data_9FIP
#
_entry.id   9FIP
#
_cell.length_a   75.05
_cell.length_b   68.28
_cell.length_c   77.66
_cell.angle_alpha   90
_cell.angle_beta   92
_cell.angle_gamma   90
#
_symmetry.space_group_name_H-M   'P 1 21 1'
#
loop_
_entity.id
_entity.type
_entity.pdbx_description
1 polymer 'Ubiquitin carboxyl-terminal hydrolase 7'
2 non-polymer 3-[[4-oxidanyl-1-[(1~{R},2~{R})-2-phenylcyclohexyl]carbonyl-piperidin-4-yl]methyl]quinazolin-4-one
3 water water
#
_entity_poly.entity_id   1
_entity_poly.type   'polypeptide(L)'
_entity_poly.pdbx_seq_one_letter_code
;GSKKHTGYVGLKNQGATCYMNSLLQTLFFTNQLRKAVYMMPTEGDDSSKSVPLALQRVFYELQHSDKPVGTKKLTKSFGW
ETLDSFMQHDVQELCRVLLDNVENKMKGTCVEGTIPKLFRGKMVSYIQCKEVDYRSDRREDYYDIQLSIKGKKNIFESFV
DYVAVEQLDGDNKYDAGEHGLQEAEKGVKFLTLPPVLHLQLMRFMYDPQTDQNIKINDRFEFPEQLPLDEFLQKTDPKDP
ANYILHAVLVHSGDNHGGHYVVYLNPKGDGKWCKFDDDVVSRCTKEEAIEHNYGGHDDDLSVRHCTNAYMLVYIRESKLS
EVLQAVTDHDIPQQLVERLQEEKRIEAQKRKERQE
;
_entity_poly.pdbx_strand_id   A,B
#
loop_
_chem_comp.id
_chem_comp.type
_chem_comp.name
_chem_comp.formula
A1ICU non-polymer 3-[[4-oxidanyl-1-[(1~{R},2~{R})-2-phenylcyclohexyl]carbonyl-piperidin-4-yl]methyl]quinazolin-4-one 'C27 H31 N3 O3'
#
# COMPACT_ATOMS: atom_id res chain seq x y z
N THR A 6 4.02 22.59 15.18
CA THR A 6 5.13 22.70 14.20
C THR A 6 4.84 23.81 13.18
N GLY A 7 3.55 23.99 12.82
CA GLY A 7 3.14 24.97 11.82
C GLY A 7 3.02 24.34 10.44
N TYR A 8 3.68 23.18 10.22
CA TYR A 8 3.78 22.53 8.92
C TYR A 8 2.66 21.48 8.74
N VAL A 9 2.22 21.30 7.49
CA VAL A 9 1.12 20.40 7.18
C VAL A 9 1.69 19.14 6.52
N GLY A 10 0.95 18.02 6.61
CA GLY A 10 1.38 16.72 6.10
C GLY A 10 0.71 16.39 4.77
N LEU A 11 1.10 15.26 4.17
CA LEU A 11 0.48 14.76 2.94
C LEU A 11 -0.46 13.58 3.24
N LYS A 12 -1.54 13.48 2.46
CA LYS A 12 -2.56 12.46 2.63
C LYS A 12 -2.03 11.11 2.16
N ASN A 13 -2.40 10.05 2.88
CA ASN A 13 -2.10 8.71 2.46
C ASN A 13 -3.17 8.24 1.47
N GLN A 14 -2.86 8.33 0.18
CA GLN A 14 -3.83 8.04 -0.87
C GLN A 14 -3.31 6.88 -1.71
N GLY A 15 -3.04 5.76 -1.05
CA GLY A 15 -2.57 4.56 -1.73
C GLY A 15 -1.13 4.22 -1.37
N ALA A 16 -0.53 3.38 -2.23
CA ALA A 16 0.77 2.80 -1.97
C ALA A 16 1.87 3.63 -2.62
N THR A 17 1.86 4.94 -2.35
CA THR A 17 2.86 5.84 -2.89
C THR A 17 4.20 5.59 -2.20
N CYS A 18 4.22 4.76 -1.14
CA CYS A 18 5.45 4.45 -0.42
C CYS A 18 6.25 5.71 -0.10
N TYR A 19 7.47 5.81 -0.61
CA TYR A 19 8.41 6.87 -0.29
C TYR A 19 8.01 8.24 -0.87
N MET A 20 7.13 8.29 -1.88
CA MET A 20 6.82 9.53 -2.59
C MET A 20 6.55 10.70 -1.63
N ASN A 21 5.59 10.52 -0.73
CA ASN A 21 5.34 11.50 0.33
C ASN A 21 6.64 11.94 1.01
N SER A 22 7.48 10.97 1.43
CA SER A 22 8.70 11.30 2.15
C SER A 22 9.54 12.24 1.29
N LEU A 23 9.78 11.81 0.04
CA LEU A 23 10.62 12.56 -0.86
C LEU A 23 10.06 13.96 -1.02
N LEU A 24 8.75 14.07 -1.26
CA LEU A 24 8.11 15.35 -1.52
C LEU A 24 8.41 16.31 -0.39
N GLN A 25 8.29 15.84 0.84
CA GLN A 25 8.54 16.75 1.95
C GLN A 25 9.97 17.27 1.81
N THR A 26 10.90 16.39 1.44
CA THR A 26 12.30 16.77 1.35
C THR A 26 12.48 17.87 0.31
N LEU A 27 11.82 17.74 -0.84
CA LEU A 27 11.98 18.71 -1.90
C LEU A 27 11.29 20.02 -1.50
N PHE A 28 10.20 19.91 -0.74
CA PHE A 28 9.51 21.11 -0.30
C PHE A 28 10.45 21.98 0.52
N PHE A 29 11.16 21.36 1.47
CA PHE A 29 12.05 22.09 2.36
C PHE A 29 13.42 22.33 1.70
N THR A 30 13.49 22.24 0.38
CA THR A 30 14.64 22.69 -0.37
C THR A 30 14.27 24.03 -1.00
N ASN A 31 14.45 25.09 -0.23
CA ASN A 31 13.72 26.32 -0.45
C ASN A 31 14.06 26.94 -1.79
N GLN A 32 15.33 26.82 -2.20
CA GLN A 32 15.74 27.43 -3.45
C GLN A 32 15.15 26.64 -4.60
N LEU A 33 14.83 25.36 -4.35
CA LEU A 33 14.11 24.56 -5.33
C LEU A 33 12.64 24.97 -5.34
N ARG A 34 12.05 25.20 -4.17
CA ARG A 34 10.64 25.56 -4.10
C ARG A 34 10.40 26.86 -4.86
N LYS A 35 11.20 27.90 -4.55
CA LYS A 35 11.10 29.20 -5.18
C LYS A 35 11.17 29.03 -6.69
N ALA A 36 12.27 28.45 -7.15
CA ALA A 36 12.49 28.20 -8.57
C ALA A 36 11.31 27.48 -9.23
N VAL A 37 10.70 26.54 -8.52
CA VAL A 37 9.59 25.77 -9.07
C VAL A 37 8.43 26.74 -9.28
N TYR A 38 8.26 27.65 -8.32
CA TYR A 38 7.18 28.61 -8.41
C TYR A 38 7.34 29.53 -9.63
N MET A 39 8.59 29.74 -10.07
CA MET A 39 8.88 30.65 -11.19
C MET A 39 8.74 29.96 -12.55
N MET A 40 8.15 28.76 -12.61
CA MET A 40 8.06 28.06 -13.88
C MET A 40 6.89 28.59 -14.72
N PRO A 41 7.08 28.83 -16.03
CA PRO A 41 6.00 29.31 -16.90
C PRO A 41 5.00 28.21 -17.27
N THR A 42 3.88 28.14 -16.54
CA THR A 42 2.98 27.00 -16.61
C THR A 42 1.53 27.46 -16.68
N GLU A 43 1.29 28.61 -17.34
CA GLU A 43 -0.07 29.05 -17.55
C GLU A 43 -0.65 28.33 -18.77
N GLY A 44 0.23 27.97 -19.72
CA GLY A 44 -0.18 27.31 -20.96
C GLY A 44 -0.39 25.80 -20.82
N ASP A 45 -0.11 25.22 -19.63
CA ASP A 45 0.03 23.77 -19.47
C ASP A 45 -1.32 23.12 -19.14
N ASP A 46 -1.34 21.78 -19.15
CA ASP A 46 -2.54 20.98 -18.93
C ASP A 46 -2.72 20.68 -17.44
N SER A 47 -3.98 20.74 -16.97
CA SER A 47 -4.28 20.72 -15.54
C SER A 47 -3.91 19.40 -14.87
N SER A 48 -3.81 18.31 -15.63
CA SER A 48 -3.66 16.99 -15.05
C SER A 48 -2.54 16.19 -15.70
N LYS A 49 -2.04 16.67 -16.84
CA LYS A 49 -1.06 15.93 -17.62
C LYS A 49 0.34 16.52 -17.41
N SER A 50 0.41 17.78 -16.97
CA SER A 50 1.69 18.43 -16.71
C SER A 50 2.25 18.00 -15.35
N VAL A 51 3.51 17.58 -15.34
CA VAL A 51 4.19 17.24 -14.10
C VAL A 51 4.53 18.54 -13.36
N PRO A 52 5.27 19.48 -14.00
CA PRO A 52 5.68 20.72 -13.34
C PRO A 52 4.57 21.55 -12.69
N LEU A 53 3.37 21.51 -13.26
CA LEU A 53 2.24 22.22 -12.70
C LEU A 53 1.79 21.48 -11.43
N ALA A 54 1.87 20.14 -11.47
CA ALA A 54 1.39 19.33 -10.37
C ALA A 54 2.27 19.57 -9.15
N LEU A 55 3.58 19.70 -9.38
CA LEU A 55 4.52 19.88 -8.30
C LEU A 55 4.39 21.29 -7.74
N GLN A 56 3.98 22.24 -8.58
CA GLN A 56 3.61 23.56 -8.09
C GLN A 56 2.41 23.44 -7.14
N ARG A 57 1.37 22.73 -7.61
CA ARG A 57 0.13 22.59 -6.87
C ARG A 57 0.44 22.01 -5.49
N VAL A 58 1.22 20.93 -5.46
CA VAL A 58 1.53 20.25 -4.20
C VAL A 58 2.29 21.21 -3.27
N PHE A 59 3.24 21.97 -3.83
CA PHE A 59 4.08 22.86 -3.05
C PHE A 59 3.26 24.04 -2.52
N TYR A 60 2.50 24.68 -3.41
CA TYR A 60 1.58 25.73 -2.98
C TYR A 60 0.72 25.19 -1.83
N GLU A 61 0.04 24.06 -2.09
CA GLU A 61 -0.88 23.45 -1.15
C GLU A 61 -0.21 23.24 0.20
N LEU A 62 1.01 22.70 0.19
CA LEU A 62 1.76 22.46 1.41
C LEU A 62 2.09 23.78 2.12
N GLN A 63 2.32 24.85 1.36
CA GLN A 63 2.65 26.14 1.95
C GLN A 63 1.43 26.79 2.59
N HIS A 64 0.23 26.63 2.00
CA HIS A 64 -0.93 27.40 2.42
C HIS A 64 -2.00 26.58 3.13
N SER A 65 -2.23 25.34 2.68
CA SER A 65 -3.32 24.53 3.24
C SER A 65 -3.12 24.30 4.73
N ASP A 66 -4.24 24.28 5.46
CA ASP A 66 -4.26 23.96 6.88
C ASP A 66 -4.71 22.50 7.04
N LYS A 67 -5.04 21.86 5.91
CA LYS A 67 -5.52 20.49 5.91
C LYS A 67 -4.56 19.63 5.10
N PRO A 68 -4.27 18.38 5.53
CA PRO A 68 -3.42 17.47 4.76
C PRO A 68 -3.63 17.62 3.25
N VAL A 69 -2.54 17.56 2.49
CA VAL A 69 -2.58 17.79 1.04
C VAL A 69 -2.62 16.46 0.30
N GLY A 70 -3.28 16.41 -0.87
CA GLY A 70 -3.39 15.19 -1.67
C GLY A 70 -2.42 15.22 -2.84
N THR A 71 -2.31 14.12 -3.60
CA THR A 71 -1.24 14.00 -4.60
C THR A 71 -1.66 13.13 -5.80
N LYS A 72 -2.97 12.96 -6.03
CA LYS A 72 -3.43 12.06 -7.07
C LYS A 72 -3.17 12.65 -8.45
N LYS A 73 -3.28 13.98 -8.56
CA LYS A 73 -3.04 14.67 -9.82
C LYS A 73 -1.57 14.56 -10.18
N LEU A 74 -0.71 14.39 -9.18
CA LEU A 74 0.72 14.27 -9.40
C LEU A 74 1.01 12.92 -10.05
N THR A 75 0.62 11.84 -9.36
CA THR A 75 0.87 10.48 -9.79
C THR A 75 0.25 10.24 -11.17
N LYS A 76 -0.89 10.90 -11.42
CA LYS A 76 -1.51 10.88 -12.74
C LYS A 76 -0.62 11.60 -13.76
N SER A 77 -0.05 12.75 -13.38
CA SER A 77 0.73 13.54 -14.33
C SER A 77 1.88 12.73 -14.92
N PHE A 78 2.56 11.93 -14.05
CA PHE A 78 3.77 11.22 -14.44
C PHE A 78 3.52 9.71 -14.57
N GLY A 79 2.27 9.27 -14.36
CA GLY A 79 1.80 8.04 -14.96
C GLY A 79 2.43 6.79 -14.34
N TRP A 80 2.52 6.79 -13.00
CA TRP A 80 2.81 5.59 -12.23
C TRP A 80 1.51 5.10 -11.62
N GLU A 81 0.84 4.12 -12.22
CA GLU A 81 -0.53 3.83 -11.80
C GLU A 81 -0.86 2.35 -11.83
N THR A 82 0.14 1.47 -12.00
CA THR A 82 -0.09 0.04 -11.85
C THR A 82 0.07 -0.34 -10.38
N LEU A 83 -0.40 -1.54 -10.04
CA LEU A 83 -0.52 -1.99 -8.67
C LEU A 83 0.84 -2.07 -7.98
N ASP A 84 1.97 -1.94 -8.70
CA ASP A 84 3.28 -2.04 -8.07
C ASP A 84 4.35 -1.19 -8.77
N SER A 85 3.95 -0.08 -9.38
CA SER A 85 4.92 0.74 -10.09
C SER A 85 5.72 1.59 -9.09
N PHE A 86 5.25 1.66 -7.83
CA PHE A 86 5.97 2.29 -6.73
C PHE A 86 6.79 1.28 -5.92
N MET A 87 6.25 0.07 -5.78
CA MET A 87 6.89 -0.99 -5.02
C MET A 87 8.17 -1.40 -5.74
N GLN A 88 8.18 -1.30 -7.08
CA GLN A 88 9.23 -1.91 -7.87
C GLN A 88 10.24 -0.90 -8.43
N HIS A 89 9.89 0.39 -8.40
CA HIS A 89 10.85 1.48 -8.60
C HIS A 89 11.45 1.89 -7.26
N ASP A 90 12.50 2.73 -7.28
CA ASP A 90 13.10 3.23 -6.06
C ASP A 90 13.29 4.75 -6.12
N VAL A 91 13.69 5.36 -4.98
CA VAL A 91 13.61 6.80 -4.78
C VAL A 91 14.42 7.61 -5.80
N GLN A 92 15.68 7.24 -6.07
CA GLN A 92 16.47 7.97 -7.04
C GLN A 92 15.69 8.12 -8.33
N GLU A 93 14.88 7.09 -8.64
CA GLU A 93 14.13 7.06 -9.88
C GLU A 93 13.02 8.09 -9.81
N LEU A 94 12.26 8.08 -8.72
CA LEU A 94 11.11 8.95 -8.55
C LEU A 94 11.59 10.40 -8.52
N CYS A 95 12.73 10.59 -7.87
CA CYS A 95 13.38 11.88 -7.87
C CYS A 95 13.68 12.32 -9.31
N ARG A 96 14.32 11.44 -10.09
CA ARG A 96 14.87 11.86 -11.37
C ARG A 96 13.73 12.29 -12.29
N VAL A 97 12.70 11.44 -12.35
CA VAL A 97 11.44 11.75 -13.02
C VAL A 97 11.01 13.17 -12.64
N LEU A 98 11.08 13.47 -11.34
CA LEU A 98 10.64 14.76 -10.83
C LEU A 98 11.56 15.90 -11.26
N LEU A 99 12.86 15.77 -11.05
CA LEU A 99 13.76 16.90 -11.22
C LEU A 99 14.12 17.14 -12.69
N ASP A 100 13.90 16.16 -13.57
CA ASP A 100 14.20 16.31 -14.99
C ASP A 100 13.06 17.03 -15.70
N ASN A 101 11.84 16.85 -15.19
CA ASN A 101 10.70 17.57 -15.72
C ASN A 101 10.83 19.04 -15.34
N VAL A 102 11.37 19.29 -14.15
CA VAL A 102 11.60 20.65 -13.69
C VAL A 102 12.82 21.24 -14.40
N GLU A 103 13.93 20.49 -14.43
CA GLU A 103 15.15 20.98 -15.05
C GLU A 103 14.81 21.61 -16.40
N ASN A 104 13.97 20.89 -17.16
CA ASN A 104 13.77 21.16 -18.57
C ASN A 104 12.72 22.26 -18.77
N LYS A 105 11.81 22.44 -17.80
CA LYS A 105 10.81 23.51 -17.86
C LYS A 105 11.44 24.86 -17.57
N MET A 106 12.42 24.87 -16.66
CA MET A 106 13.17 26.06 -16.30
C MET A 106 14.29 26.20 -17.31
N LYS A 107 13.97 26.70 -18.50
CA LYS A 107 14.90 26.62 -19.62
C LYS A 107 14.58 27.77 -20.56
N GLY A 108 15.59 28.59 -20.84
CA GLY A 108 15.37 29.93 -21.36
C GLY A 108 14.52 30.74 -20.38
N THR A 109 14.75 30.51 -19.08
CA THR A 109 14.05 31.21 -18.00
C THR A 109 15.08 31.79 -17.05
N CYS A 110 14.62 32.70 -16.19
CA CYS A 110 15.51 33.42 -15.29
C CYS A 110 16.03 32.49 -14.19
N VAL A 111 15.42 31.31 -14.11
CA VAL A 111 15.70 30.32 -13.09
C VAL A 111 16.21 29.03 -13.75
N GLU A 112 16.65 29.14 -15.01
CA GLU A 112 17.29 28.04 -15.71
C GLU A 112 18.52 27.62 -14.93
N GLY A 113 18.79 26.31 -14.90
CA GLY A 113 20.04 25.78 -14.36
C GLY A 113 20.01 25.52 -12.85
N THR A 114 18.91 25.88 -12.19
CA THR A 114 18.82 25.74 -10.75
C THR A 114 19.00 24.28 -10.32
N ILE A 115 18.47 23.32 -11.10
CA ILE A 115 18.61 21.93 -10.68
C ILE A 115 20.10 21.57 -10.64
N PRO A 116 20.86 21.64 -11.74
CA PRO A 116 22.31 21.40 -11.69
C PRO A 116 23.02 22.17 -10.60
N LYS A 117 22.63 23.43 -10.43
CA LYS A 117 23.23 24.30 -9.45
C LYS A 117 23.17 23.61 -8.08
N LEU A 118 22.03 22.95 -7.81
CA LEU A 118 21.73 22.44 -6.48
C LEU A 118 22.18 20.99 -6.31
N PHE A 119 22.23 20.19 -7.39
CA PHE A 119 22.33 18.74 -7.23
C PHE A 119 23.51 18.12 -7.98
N ARG A 120 24.04 18.79 -9.00
CA ARG A 120 25.07 18.20 -9.86
C ARG A 120 26.44 18.26 -9.19
N GLY A 121 27.16 17.14 -9.22
CA GLY A 121 28.56 17.07 -8.80
C GLY A 121 29.42 16.43 -9.89
N LYS A 122 30.76 16.54 -9.74
CA LYS A 122 31.72 16.09 -10.73
C LYS A 122 32.56 14.92 -10.19
N MET A 123 32.51 13.80 -10.91
CA MET A 123 33.34 12.63 -10.65
C MET A 123 34.34 12.48 -11.79
N VAL A 124 35.48 11.87 -11.48
CA VAL A 124 36.42 11.34 -12.46
C VAL A 124 36.61 9.84 -12.20
N SER A 125 36.30 9.04 -13.23
CA SER A 125 36.42 7.59 -13.21
C SER A 125 37.58 7.19 -14.12
N TYR A 126 38.35 6.17 -13.71
CA TYR A 126 39.60 5.91 -14.39
C TYR A 126 39.99 4.45 -14.32
N ILE A 127 40.64 4.01 -15.40
CA ILE A 127 41.37 2.77 -15.44
C ILE A 127 42.82 3.09 -15.79
N GLN A 128 43.74 2.25 -15.27
CA GLN A 128 45.17 2.45 -15.33
C GLN A 128 45.87 1.09 -15.33
N CYS A 129 46.69 0.84 -16.35
CA CYS A 129 47.37 -0.43 -16.53
C CYS A 129 48.58 -0.49 -15.60
N LYS A 130 48.86 -1.67 -15.04
CA LYS A 130 49.93 -1.82 -14.07
C LYS A 130 51.30 -1.85 -14.76
N GLU A 131 51.63 -2.97 -15.43
CA GLU A 131 52.93 -3.14 -16.06
C GLU A 131 53.09 -2.17 -17.22
N VAL A 132 52.33 -2.34 -18.30
CA VAL A 132 52.37 -1.42 -19.43
C VAL A 132 51.76 -0.09 -18.98
N ASP A 133 52.20 1.01 -19.60
CA ASP A 133 51.66 2.32 -19.29
C ASP A 133 50.55 2.70 -20.28
N TYR A 134 49.34 2.92 -19.76
CA TYR A 134 48.17 3.42 -20.49
C TYR A 134 47.12 3.86 -19.48
N ARG A 135 46.48 5.02 -19.72
CA ARG A 135 45.56 5.63 -18.76
C ARG A 135 44.24 6.02 -19.43
N SER A 136 43.12 5.76 -18.73
CA SER A 136 41.79 6.12 -19.21
C SER A 136 41.03 6.86 -18.11
N ASP A 137 41.01 8.20 -18.21
CA ASP A 137 40.32 9.08 -17.28
C ASP A 137 39.07 9.63 -17.96
N ARG A 138 37.98 9.76 -17.22
CA ARG A 138 36.78 10.35 -17.79
C ARG A 138 35.96 11.05 -16.70
N ARG A 139 35.34 12.17 -17.11
CA ARG A 139 34.50 12.97 -16.23
C ARG A 139 33.07 12.49 -16.34
N GLU A 140 32.41 12.41 -15.19
CA GLU A 140 30.99 12.06 -15.12
C GLU A 140 30.33 13.06 -14.21
N ASP A 141 29.05 13.37 -14.49
CA ASP A 141 28.26 14.24 -13.64
C ASP A 141 27.34 13.33 -12.82
N TYR A 142 27.16 13.62 -11.52
CA TYR A 142 26.25 12.84 -10.69
C TYR A 142 25.25 13.73 -9.98
N TYR A 143 24.01 13.21 -9.79
CA TYR A 143 22.97 13.97 -9.10
C TYR A 143 22.65 13.34 -7.75
N ASP A 144 23.24 12.17 -7.49
CA ASP A 144 23.02 11.41 -6.26
C ASP A 144 24.12 10.36 -6.15
N ILE A 145 24.23 9.74 -4.98
CA ILE A 145 25.26 8.74 -4.75
C ILE A 145 24.68 7.56 -3.98
N GLN A 146 24.96 6.35 -4.48
CA GLN A 146 24.55 5.13 -3.79
C GLN A 146 25.74 4.55 -3.03
N LEU A 147 25.52 4.31 -1.74
CA LEU A 147 26.54 3.79 -0.85
C LEU A 147 26.13 2.40 -0.38
N SER A 148 27.12 1.50 -0.28
CA SER A 148 26.91 0.18 0.27
C SER A 148 26.98 0.25 1.79
N ILE A 149 26.44 -0.78 2.43
CA ILE A 149 26.28 -0.84 3.87
C ILE A 149 26.74 -2.19 4.39
N LYS A 150 26.39 -3.28 3.68
CA LYS A 150 26.76 -4.64 4.10
C LYS A 150 28.26 -4.63 4.41
N GLY A 151 28.58 -4.85 5.69
CA GLY A 151 29.95 -4.88 6.16
C GLY A 151 30.55 -3.49 6.37
N LYS A 152 29.69 -2.47 6.48
CA LYS A 152 30.15 -1.10 6.76
C LYS A 152 29.41 -0.59 7.98
N LYS A 153 30.15 0.08 8.87
CA LYS A 153 29.66 0.47 10.19
C LYS A 153 29.12 1.91 10.16
N ASN A 154 29.73 2.75 9.33
CA ASN A 154 29.40 4.17 9.26
C ASN A 154 29.64 4.69 7.84
N ILE A 155 29.17 5.91 7.57
CA ILE A 155 29.27 6.53 6.25
C ILE A 155 30.73 6.68 5.81
N PHE A 156 31.65 6.92 6.76
CA PHE A 156 33.05 7.13 6.44
C PHE A 156 33.59 5.89 5.73
N GLU A 157 33.34 4.73 6.33
CA GLU A 157 33.74 3.49 5.71
C GLU A 157 33.24 3.45 4.26
N SER A 158 31.94 3.74 4.07
CA SER A 158 31.29 3.72 2.75
C SER A 158 32.03 4.62 1.76
N PHE A 159 32.24 5.87 2.15
CA PHE A 159 32.98 6.78 1.30
C PHE A 159 34.37 6.22 1.01
N VAL A 160 35.01 5.59 2.00
CA VAL A 160 36.36 5.08 1.79
C VAL A 160 36.25 3.89 0.84
N ASP A 161 35.20 3.08 1.02
CA ASP A 161 34.96 1.98 0.10
C ASP A 161 34.59 2.49 -1.29
N TYR A 162 33.87 3.61 -1.39
CA TYR A 162 33.37 4.05 -2.69
C TYR A 162 34.56 4.46 -3.58
N VAL A 163 35.51 5.17 -2.99
CA VAL A 163 36.67 5.64 -3.74
C VAL A 163 37.74 4.55 -3.79
N ALA A 164 37.52 3.42 -3.11
CA ALA A 164 38.52 2.35 -3.10
C ALA A 164 38.84 1.88 -4.52
N VAL A 165 40.14 1.62 -4.74
CA VAL A 165 40.65 1.07 -5.98
C VAL A 165 40.20 -0.38 -6.09
N GLU A 166 39.77 -0.79 -7.28
CA GLU A 166 39.44 -2.19 -7.53
C GLU A 166 40.58 -2.78 -8.36
N GLN A 167 40.76 -4.10 -8.22
CA GLN A 167 41.81 -4.83 -8.91
C GLN A 167 41.21 -5.54 -10.12
N LEU A 168 41.97 -5.57 -11.22
CA LEU A 168 41.57 -6.31 -12.41
C LEU A 168 42.61 -7.39 -12.65
N ASP A 169 42.60 -8.42 -11.81
CA ASP A 169 43.56 -9.52 -11.85
C ASP A 169 43.25 -10.42 -13.05
N GLY A 170 44.14 -11.40 -13.31
CA GLY A 170 43.94 -12.36 -14.40
C GLY A 170 42.56 -13.03 -14.29
N ASP A 171 42.05 -13.50 -15.43
CA ASP A 171 40.71 -14.06 -15.53
C ASP A 171 39.70 -12.90 -15.59
N ASN A 172 40.15 -11.70 -15.18
CA ASN A 172 39.33 -10.50 -15.20
C ASN A 172 40.20 -9.29 -15.57
N LYS A 173 41.27 -9.53 -16.34
CA LYS A 173 42.19 -8.48 -16.77
C LYS A 173 41.47 -7.50 -17.70
N TYR A 174 42.09 -6.36 -18.00
CA TYR A 174 41.43 -5.30 -18.75
C TYR A 174 41.88 -5.33 -20.21
N ASP A 175 40.93 -5.08 -21.13
CA ASP A 175 41.21 -5.12 -22.56
C ASP A 175 41.84 -3.80 -23.01
N ALA A 176 43.14 -3.63 -22.74
CA ALA A 176 43.86 -2.45 -23.21
C ALA A 176 43.81 -2.40 -24.74
N GLY A 177 43.33 -3.49 -25.35
CA GLY A 177 43.13 -3.51 -26.79
C GLY A 177 44.47 -3.49 -27.50
N GLU A 178 45.04 -2.29 -27.65
CA GLU A 178 46.33 -2.14 -28.29
C GLU A 178 47.41 -2.84 -27.45
N HIS A 179 47.29 -2.75 -26.11
CA HIS A 179 48.32 -3.27 -25.23
C HIS A 179 47.85 -4.60 -24.61
N GLY A 180 46.91 -5.28 -25.28
CA GLY A 180 46.55 -6.65 -24.91
C GLY A 180 45.73 -6.74 -23.62
N LEU A 181 46.03 -7.76 -22.82
CA LEU A 181 45.36 -7.95 -21.53
C LEU A 181 46.36 -7.56 -20.43
N GLN A 182 46.04 -6.49 -19.69
CA GLN A 182 46.83 -6.09 -18.54
C GLN A 182 46.01 -6.32 -17.28
N GLU A 183 46.71 -6.58 -16.16
CA GLU A 183 46.13 -6.40 -14.84
C GLU A 183 46.04 -4.89 -14.63
N ALA A 184 44.97 -4.46 -13.95
CA ALA A 184 44.66 -3.04 -13.89
C ALA A 184 44.03 -2.67 -12.54
N GLU A 185 44.31 -1.43 -12.13
CA GLU A 185 43.66 -0.78 -11.01
C GLU A 185 42.61 0.18 -11.57
N LYS A 186 41.36 0.00 -11.14
CA LYS A 186 40.24 0.82 -11.58
C LYS A 186 39.64 1.49 -10.36
N GLY A 187 39.47 2.82 -10.44
CA GLY A 187 38.97 3.58 -9.31
C GLY A 187 38.12 4.78 -9.74
N VAL A 188 37.56 5.48 -8.75
CA VAL A 188 36.80 6.70 -8.98
C VAL A 188 37.17 7.75 -7.93
N LYS A 189 37.22 9.03 -8.34
CA LYS A 189 37.55 10.13 -7.46
C LYS A 189 36.59 11.31 -7.63
N PHE A 190 36.36 12.02 -6.50
CA PHE A 190 35.50 13.19 -6.47
C PHE A 190 36.26 14.46 -6.85
N LEU A 191 35.70 15.22 -7.80
CA LEU A 191 36.20 16.55 -8.12
C LEU A 191 35.42 17.60 -7.32
N THR A 192 34.10 17.44 -7.21
CA THR A 192 33.26 18.42 -6.54
C THR A 192 32.01 17.75 -5.98
N LEU A 193 31.50 18.31 -4.88
CA LEU A 193 30.29 17.84 -4.23
C LEU A 193 29.23 18.93 -4.27
N PRO A 194 28.00 18.64 -4.72
CA PRO A 194 26.99 19.67 -4.94
C PRO A 194 26.54 20.29 -3.62
N PRO A 195 25.90 21.47 -3.68
CA PRO A 195 25.36 22.12 -2.48
C PRO A 195 24.47 21.18 -1.67
N VAL A 196 23.77 20.30 -2.38
CA VAL A 196 22.89 19.35 -1.74
C VAL A 196 23.32 17.93 -2.08
N LEU A 197 23.69 17.16 -1.04
CA LEU A 197 24.04 15.76 -1.17
C LEU A 197 22.83 14.85 -0.93
N HIS A 198 22.45 14.11 -1.98
CA HIS A 198 21.45 13.06 -1.84
C HIS A 198 22.15 11.70 -1.82
N LEU A 199 22.35 11.14 -0.62
CA LEU A 199 22.99 9.84 -0.52
C LEU A 199 21.92 8.78 -0.32
N GLN A 200 21.94 7.74 -1.14
CA GLN A 200 21.05 6.62 -0.89
C GLN A 200 21.84 5.45 -0.31
N LEU A 201 21.21 4.75 0.63
CA LEU A 201 21.77 3.55 1.19
C LEU A 201 21.27 2.38 0.36
N MET A 202 22.14 1.37 0.21
CA MET A 202 21.77 0.13 -0.44
C MET A 202 21.39 -0.88 0.63
N ARG A 203 20.09 -0.95 0.95
CA ARG A 203 19.59 -1.93 1.89
C ARG A 203 18.76 -3.00 1.18
N PHE A 204 18.64 -2.92 -0.16
CA PHE A 204 17.97 -3.95 -0.94
C PHE A 204 18.99 -4.60 -1.85
N MET A 205 19.21 -5.93 -1.72
CA MET A 205 20.30 -6.59 -2.45
C MET A 205 19.81 -7.26 -3.73
N TYR A 206 20.14 -8.56 -3.97
CA TYR A 206 19.81 -9.19 -5.26
C TYR A 206 19.43 -10.66 -5.11
N ASP A 207 20.07 -11.57 -5.87
CA ASP A 207 19.67 -12.97 -5.91
C ASP A 207 20.78 -13.91 -5.46
N PRO A 208 21.11 -14.00 -4.15
CA PRO A 208 21.96 -15.06 -3.66
C PRO A 208 20.98 -16.22 -3.85
N GLN A 209 19.83 -16.13 -3.18
CA GLN A 209 18.74 -17.07 -3.38
C GLN A 209 17.52 -16.34 -3.93
N ASN A 213 14.17 -9.09 -3.83
CA ASN A 213 15.43 -8.82 -3.07
C ASN A 213 15.21 -8.79 -1.57
N ILE A 214 16.29 -8.59 -0.82
CA ILE A 214 16.26 -8.65 0.63
C ILE A 214 16.62 -7.27 1.19
N LYS A 215 15.82 -6.79 2.14
CA LYS A 215 16.15 -5.58 2.87
C LYS A 215 17.14 -5.93 3.98
N ILE A 216 18.36 -5.41 3.88
CA ILE A 216 19.34 -5.51 4.95
C ILE A 216 18.94 -4.55 6.06
N ASN A 217 18.95 -4.99 7.33
CA ASN A 217 18.61 -4.15 8.48
C ASN A 217 19.81 -3.93 9.39
N ASP A 218 21.02 -4.05 8.84
CA ASP A 218 22.24 -4.03 9.65
C ASP A 218 22.56 -2.60 10.10
N ARG A 219 22.96 -2.48 11.37
CA ARG A 219 23.37 -1.20 11.95
C ARG A 219 24.28 -0.42 11.00
N PHE A 220 23.91 0.84 10.77
CA PHE A 220 24.69 1.76 9.97
C PHE A 220 24.50 3.18 10.47
N GLU A 221 25.60 3.78 10.93
CA GLU A 221 25.61 5.07 11.59
C GLU A 221 25.86 6.19 10.57
N PHE A 222 25.57 7.43 10.99
CA PHE A 222 25.80 8.62 10.19
C PHE A 222 25.76 9.83 11.11
N PRO A 223 26.56 10.88 10.82
CA PRO A 223 26.65 12.03 11.71
C PRO A 223 25.67 13.16 11.38
N GLU A 224 25.48 14.07 12.34
CA GLU A 224 24.81 15.33 12.08
C GLU A 224 25.70 16.20 11.20
N GLN A 225 27.03 16.06 11.34
CA GLN A 225 27.99 16.84 10.58
C GLN A 225 28.95 15.92 9.84
N LEU A 226 29.16 16.18 8.54
CA LEU A 226 29.85 15.27 7.66
C LEU A 226 30.95 16.04 6.92
N PRO A 227 32.25 15.75 7.23
CA PRO A 227 33.38 16.38 6.54
C PRO A 227 34.08 15.58 5.44
N LEU A 228 34.14 16.15 4.23
CA LEU A 228 34.37 15.34 3.04
C LEU A 228 35.60 15.82 2.27
N ASP A 229 36.51 16.53 2.91
CA ASP A 229 37.63 17.10 2.17
C ASP A 229 38.66 16.02 1.80
N GLU A 230 38.76 14.95 2.61
CA GLU A 230 39.69 13.87 2.30
C GLU A 230 39.35 13.25 0.94
N PHE A 231 38.05 13.24 0.58
CA PHE A 231 37.62 12.53 -0.61
C PHE A 231 37.77 13.41 -1.85
N LEU A 232 38.03 14.71 -1.68
CA LEU A 232 38.19 15.60 -2.82
C LEU A 232 39.62 15.45 -3.31
N GLN A 233 39.78 15.41 -4.64
CA GLN A 233 41.08 15.38 -5.28
C GLN A 233 41.90 16.64 -4.96
N LYS A 234 41.21 17.76 -4.77
CA LYS A 234 41.83 19.03 -4.40
C LYS A 234 40.90 19.77 -3.45
N THR A 235 41.26 19.88 -2.17
CA THR A 235 40.48 20.74 -1.30
C THR A 235 40.83 22.16 -1.73
N ASP A 236 40.02 23.13 -1.30
CA ASP A 236 40.45 24.51 -1.37
C ASP A 236 40.28 25.12 0.01
N PRO A 237 41.10 26.13 0.37
CA PRO A 237 40.79 26.98 1.51
C PRO A 237 39.48 27.72 1.20
N LYS A 238 38.76 28.10 2.25
CA LYS A 238 37.75 29.14 2.15
C LYS A 238 36.41 28.60 1.64
N ASP A 239 36.36 27.34 1.19
CA ASP A 239 35.10 26.60 1.00
C ASP A 239 35.40 25.13 1.22
N PRO A 240 35.43 24.65 2.47
CA PRO A 240 35.62 23.23 2.73
C PRO A 240 34.32 22.48 2.45
N ALA A 241 34.42 21.17 2.26
CA ALA A 241 33.26 20.29 2.14
C ALA A 241 32.82 19.80 3.52
N ASN A 242 32.10 20.67 4.24
CA ASN A 242 31.47 20.31 5.50
C ASN A 242 29.96 20.36 5.30
N TYR A 243 29.26 19.32 5.73
CA TYR A 243 27.88 19.07 5.33
C TYR A 243 27.00 18.84 6.56
N ILE A 244 25.82 19.44 6.53
CA ILE A 244 24.85 19.46 7.63
C ILE A 244 23.65 18.58 7.27
N LEU A 245 23.46 17.52 8.05
CA LEU A 245 22.33 16.63 7.85
C LEU A 245 21.04 17.43 7.90
N HIS A 246 20.20 17.24 6.88
CA HIS A 246 18.98 18.00 6.70
C HIS A 246 17.75 17.12 6.85
N ALA A 247 17.82 15.88 6.34
CA ALA A 247 16.67 14.98 6.35
C ALA A 247 17.11 13.53 6.34
N VAL A 248 16.29 12.68 6.96
CA VAL A 248 16.59 11.25 7.10
C VAL A 248 15.35 10.51 6.65
N LEU A 249 15.43 9.79 5.52
CA LEU A 249 14.25 9.07 5.02
C LEU A 249 14.24 7.65 5.62
N VAL A 250 13.14 7.26 6.27
CA VAL A 250 13.11 6.06 7.08
C VAL A 250 12.06 5.10 6.54
N HIS A 251 12.25 3.81 6.80
CA HIS A 251 11.27 2.79 6.48
C HIS A 251 11.37 1.68 7.53
N SER A 252 10.22 1.06 7.85
CA SER A 252 10.15 -0.05 8.78
C SER A 252 9.32 -1.18 8.17
N GLY A 253 9.97 -2.30 7.88
CA GLY A 253 9.25 -3.44 7.32
C GLY A 253 10.22 -4.45 6.69
N ASP A 254 9.91 -4.89 5.47
CA ASP A 254 10.70 -5.89 4.77
C ASP A 254 10.55 -5.69 3.26
N ASN A 255 10.62 -6.79 2.50
CA ASN A 255 10.49 -6.74 1.04
C ASN A 255 9.06 -7.01 0.62
N HIS A 256 8.18 -7.26 1.61
CA HIS A 256 6.78 -7.53 1.32
C HIS A 256 5.92 -6.34 1.74
N GLY A 257 6.27 -5.71 2.87
CA GLY A 257 5.50 -4.58 3.36
C GLY A 257 6.35 -3.58 4.13
N GLY A 258 5.69 -2.57 4.70
CA GLY A 258 6.34 -1.61 5.60
C GLY A 258 5.63 -0.26 5.65
N HIS A 259 6.26 0.69 6.34
CA HIS A 259 5.72 2.04 6.49
C HIS A 259 6.86 3.06 6.35
N TYR A 260 6.62 4.11 5.56
CA TYR A 260 7.68 5.08 5.23
C TYR A 260 7.45 6.41 5.94
N VAL A 261 8.55 6.99 6.44
CA VAL A 261 8.51 8.24 7.17
C VAL A 261 9.76 9.04 6.82
N VAL A 262 9.71 10.35 7.10
CA VAL A 262 10.87 11.19 6.99
C VAL A 262 10.96 12.07 8.23
N TYR A 263 12.18 12.14 8.78
CA TYR A 263 12.54 13.11 9.80
C TYR A 263 13.19 14.28 9.09
N LEU A 264 12.85 15.51 9.46
CA LEU A 264 13.42 16.68 8.81
C LEU A 264 13.80 17.72 9.87
N ASN A 265 14.89 18.46 9.64
CA ASN A 265 15.10 19.72 10.37
C ASN A 265 15.10 20.85 9.38
N PRO A 266 13.90 21.36 9.02
CA PRO A 266 13.70 22.21 7.86
C PRO A 266 14.61 23.43 7.77
N LYS A 267 14.78 24.14 8.90
CA LYS A 267 15.55 25.37 8.87
C LYS A 267 17.03 25.06 9.10
N GLY A 268 17.42 23.79 9.03
CA GLY A 268 18.80 23.41 9.23
C GLY A 268 19.29 23.73 10.64
N ASP A 269 18.37 24.18 11.51
CA ASP A 269 18.72 24.74 12.81
C ASP A 269 18.92 23.64 13.84
N GLY A 270 18.53 22.40 13.50
CA GLY A 270 18.67 21.29 14.43
C GLY A 270 17.44 21.13 15.32
N LYS A 271 16.29 21.63 14.84
CA LYS A 271 15.01 21.36 15.47
C LYS A 271 14.17 20.48 14.54
N TRP A 272 14.13 19.20 14.92
CA TRP A 272 13.71 18.13 14.04
C TRP A 272 12.21 17.89 14.14
N CYS A 273 11.61 17.46 13.02
CA CYS A 273 10.22 17.06 13.00
C CYS A 273 10.09 15.75 12.23
N LYS A 274 9.17 14.90 12.69
CA LYS A 274 8.80 13.66 12.03
C LYS A 274 7.58 13.93 11.16
N PHE A 275 7.61 13.44 9.91
CA PHE A 275 6.50 13.61 8.99
C PHE A 275 5.92 12.23 8.65
N ASP A 276 4.90 11.81 9.41
CA ASP A 276 4.23 10.54 9.18
C ASP A 276 2.94 10.79 8.38
N ASP A 277 3.02 10.67 7.05
CA ASP A 277 1.87 10.89 6.17
C ASP A 277 1.18 12.20 6.56
N ASP A 278 0.03 12.12 7.26
CA ASP A 278 -0.76 13.31 7.56
C ASP A 278 -0.55 13.78 8.99
N VAL A 279 0.59 13.44 9.59
CA VAL A 279 0.83 13.72 11.00
C VAL A 279 2.26 14.17 11.19
N VAL A 280 2.44 15.48 11.24
CA VAL A 280 3.70 16.08 11.58
C VAL A 280 3.72 16.29 13.08
N SER A 281 4.88 16.00 13.71
CA SER A 281 5.10 16.21 15.13
C SER A 281 6.57 16.54 15.39
N ARG A 282 6.82 17.35 16.43
CA ARG A 282 8.16 17.60 16.93
C ARG A 282 8.78 16.28 17.41
N CYS A 283 10.12 16.19 17.37
CA CYS A 283 10.82 15.02 17.89
C CYS A 283 12.25 15.38 18.24
N THR A 284 12.89 14.49 18.99
CA THR A 284 14.26 14.68 19.45
C THR A 284 15.22 14.52 18.27
N LYS A 285 16.45 14.97 18.50
CA LYS A 285 17.53 14.69 17.57
C LYS A 285 17.78 13.19 17.53
N GLU A 286 17.67 12.56 18.71
CA GLU A 286 17.92 11.14 18.88
C GLU A 286 16.96 10.33 18.02
N GLU A 287 15.69 10.77 17.95
CA GLU A 287 14.69 9.99 17.24
C GLU A 287 14.95 10.04 15.74
N ALA A 288 15.58 11.13 15.29
CA ALA A 288 15.79 11.36 13.87
C ALA A 288 17.07 10.70 13.38
N ILE A 289 18.13 10.77 14.20
CA ILE A 289 19.45 10.27 13.84
C ILE A 289 19.65 8.85 14.38
N GLU A 290 19.95 8.78 15.69
CA GLU A 290 20.56 7.61 16.31
C GLU A 290 19.58 6.44 16.29
N HIS A 291 18.29 6.76 16.36
CA HIS A 291 17.24 5.75 16.46
C HIS A 291 16.94 5.15 15.09
N ASN A 292 17.68 5.60 14.05
CA ASN A 292 17.45 5.07 12.71
C ASN A 292 18.73 4.44 12.16
N TYR A 293 19.68 4.13 13.06
CA TYR A 293 20.88 3.38 12.70
C TYR A 293 20.55 1.91 12.40
N GLY A 294 19.57 1.35 13.12
CA GLY A 294 19.19 -0.03 12.94
C GLY A 294 19.84 -0.90 13.99
N THR A 306 13.56 -0.19 11.66
CA THR A 306 13.20 1.25 11.67
C THR A 306 14.43 2.09 11.33
N ASN A 307 14.89 1.95 10.09
CA ASN A 307 16.19 2.44 9.69
C ASN A 307 16.09 3.32 8.45
N ALA A 308 17.15 4.11 8.23
CA ALA A 308 17.26 5.03 7.11
C ALA A 308 17.51 4.27 5.80
N TYR A 309 17.15 4.89 4.68
CA TYR A 309 17.46 4.35 3.35
C TYR A 309 17.97 5.48 2.43
N MET A 310 17.89 6.74 2.87
CA MET A 310 18.38 7.89 2.12
C MET A 310 18.61 9.07 3.07
N LEU A 311 19.68 9.84 2.82
CA LEU A 311 20.01 10.97 3.66
C LEU A 311 20.18 12.19 2.78
N VAL A 312 19.83 13.38 3.29
CA VAL A 312 20.17 14.62 2.59
C VAL A 312 21.05 15.51 3.45
N TYR A 313 22.22 15.87 2.91
CA TYR A 313 23.11 16.84 3.52
C TYR A 313 23.15 18.11 2.67
N ILE A 314 23.29 19.26 3.34
CA ILE A 314 23.54 20.54 2.69
C ILE A 314 24.89 21.06 3.17
N ARG A 315 25.62 21.70 2.27
CA ARG A 315 26.94 22.23 2.58
C ARG A 315 26.81 23.46 3.48
N GLU A 316 27.61 23.49 4.57
CA GLU A 316 27.56 24.53 5.58
C GLU A 316 27.50 25.91 4.91
N SER A 317 28.38 26.13 3.92
CA SER A 317 28.51 27.42 3.28
C SER A 317 27.28 27.80 2.45
N LYS A 318 26.36 26.85 2.25
CA LYS A 318 25.27 27.04 1.30
C LYS A 318 23.91 27.18 2.01
N LEU A 319 23.84 26.71 3.27
CA LEU A 319 22.62 26.59 4.07
C LEU A 319 21.67 27.76 3.89
N SER A 320 22.19 28.97 4.13
CA SER A 320 21.36 30.16 4.20
C SER A 320 20.79 30.49 2.83
N GLU A 321 21.56 30.16 1.77
CA GLU A 321 21.12 30.33 0.39
C GLU A 321 20.18 29.21 -0.08
N VAL A 322 20.30 28.01 0.49
CA VAL A 322 19.46 26.89 0.10
C VAL A 322 18.14 26.91 0.85
N LEU A 323 18.20 27.31 2.13
CA LEU A 323 17.02 27.34 2.98
C LEU A 323 16.49 28.77 3.13
N GLN A 324 16.66 29.58 2.08
CA GLN A 324 16.15 30.94 2.02
C GLN A 324 14.70 30.98 2.49
N ALA A 325 14.36 32.02 3.26
CA ALA A 325 12.98 32.27 3.62
C ALA A 325 12.12 32.37 2.35
N VAL A 326 10.90 31.80 2.44
CA VAL A 326 9.97 31.81 1.33
C VAL A 326 8.67 32.50 1.75
N THR A 327 8.51 33.77 1.32
CA THR A 327 7.28 34.52 1.56
C THR A 327 6.17 33.96 0.66
N ASP A 328 4.94 34.40 0.93
CA ASP A 328 3.80 34.01 0.12
C ASP A 328 3.79 34.85 -1.15
N HIS A 329 4.46 36.01 -1.11
CA HIS A 329 4.54 36.91 -2.26
C HIS A 329 5.44 36.33 -3.35
N ASP A 330 6.24 35.30 -3.00
CA ASP A 330 7.16 34.67 -3.92
C ASP A 330 6.41 33.81 -4.93
N ILE A 331 5.15 33.49 -4.67
CA ILE A 331 4.38 32.83 -5.72
C ILE A 331 3.80 33.94 -6.60
N PRO A 332 4.05 33.92 -7.93
CA PRO A 332 3.38 34.85 -8.84
C PRO A 332 1.86 34.73 -8.71
N GLN A 333 1.14 35.77 -9.12
CA GLN A 333 -0.30 35.85 -8.91
C GLN A 333 -1.03 35.04 -9.97
N GLN A 334 -0.50 35.00 -11.20
CA GLN A 334 -1.08 34.23 -12.28
C GLN A 334 -1.25 32.76 -11.86
N LEU A 335 -0.23 32.25 -11.17
CA LEU A 335 -0.28 30.90 -10.62
C LEU A 335 -1.39 30.84 -9.57
N VAL A 336 -1.24 31.69 -8.55
CA VAL A 336 -2.11 31.66 -7.38
C VAL A 336 -3.57 31.70 -7.81
N GLU A 337 -3.88 32.59 -8.79
CA GLU A 337 -5.23 32.71 -9.32
C GLU A 337 -5.67 31.36 -9.87
N ARG A 338 -4.81 30.78 -10.72
CA ARG A 338 -5.11 29.54 -11.41
C ARG A 338 -5.51 28.44 -10.43
N LEU A 339 -4.72 28.28 -9.35
CA LEU A 339 -4.85 27.14 -8.47
C LEU A 339 -6.15 27.24 -7.68
N GLN A 340 -6.39 28.44 -7.15
CA GLN A 340 -7.62 28.70 -6.43
C GLN A 340 -8.81 28.39 -7.33
N GLU A 341 -8.70 28.69 -8.64
CA GLU A 341 -9.77 28.37 -9.56
C GLU A 341 -10.03 26.86 -9.45
N GLU A 342 -8.97 26.07 -9.61
CA GLU A 342 -9.06 24.61 -9.63
C GLU A 342 -9.65 24.10 -8.33
N LYS A 343 -9.34 24.76 -7.20
CA LYS A 343 -10.00 24.44 -5.95
C LYS A 343 -11.50 24.75 -6.04
N ARG A 344 -11.88 25.86 -6.68
CA ARG A 344 -13.29 26.26 -6.74
C ARG A 344 -14.11 25.20 -7.48
N ILE A 345 -13.62 24.78 -8.65
CA ILE A 345 -14.36 23.80 -9.44
C ILE A 345 -14.41 22.49 -8.65
N GLU A 346 -13.26 22.05 -8.15
CA GLU A 346 -13.18 20.75 -7.47
C GLU A 346 -13.71 20.85 -6.04
N ALA A 347 -14.80 21.60 -5.83
CA ALA A 347 -15.43 21.68 -4.52
C ALA A 347 -16.90 21.25 -4.66
N GLN A 348 -17.25 20.74 -5.85
CA GLN A 348 -18.60 20.31 -6.15
C GLN A 348 -18.76 18.82 -5.80
N LYS A 349 -19.84 18.46 -5.11
CA LYS A 349 -20.19 17.06 -4.84
C LYS A 349 -19.95 16.20 -6.11
N HIS B 5 5.19 -25.85 7.34
CA HIS B 5 4.89 -26.56 8.62
C HIS B 5 3.39 -26.64 8.93
N THR B 6 2.50 -26.39 7.94
CA THR B 6 1.05 -26.37 8.12
C THR B 6 0.30 -27.24 7.09
N GLY B 7 0.88 -27.44 5.89
CA GLY B 7 0.19 -28.10 4.78
C GLY B 7 -0.58 -27.12 3.90
N TYR B 8 -0.50 -25.83 4.25
CA TYR B 8 -1.18 -24.77 3.54
C TYR B 8 -0.14 -23.88 2.89
N VAL B 9 -0.38 -23.50 1.63
CA VAL B 9 0.52 -22.64 0.87
C VAL B 9 -0.06 -21.22 0.82
N GLY B 10 0.78 -20.22 0.53
CA GLY B 10 0.41 -18.82 0.63
C GLY B 10 0.12 -18.19 -0.73
N LEU B 11 -0.30 -16.92 -0.74
CA LEU B 11 -0.48 -16.19 -1.98
C LEU B 11 0.56 -15.05 -2.06
N LYS B 12 1.08 -14.83 -3.26
CA LYS B 12 2.19 -13.92 -3.49
C LYS B 12 1.76 -12.49 -3.26
N ASN B 13 2.65 -11.68 -2.69
CA ASN B 13 2.45 -10.24 -2.71
C ASN B 13 2.83 -9.75 -4.10
N GLN B 14 1.83 -9.39 -4.89
CA GLN B 14 2.03 -8.90 -6.24
C GLN B 14 1.44 -7.51 -6.34
N GLY B 15 1.46 -6.77 -5.22
CA GLY B 15 1.06 -5.38 -5.22
C GLY B 15 -0.10 -5.10 -4.28
N ALA B 16 -0.84 -4.05 -4.62
CA ALA B 16 -1.80 -3.42 -3.74
C ALA B 16 -3.21 -3.93 -4.05
N THR B 17 -3.38 -5.25 -3.91
CA THR B 17 -4.67 -5.90 -4.02
C THR B 17 -5.38 -5.87 -2.67
N CYS B 18 -4.70 -5.38 -1.63
CA CYS B 18 -5.30 -5.12 -0.32
C CYS B 18 -5.84 -6.40 0.31
N TYR B 19 -7.16 -6.50 0.42
CA TYR B 19 -7.83 -7.59 1.09
C TYR B 19 -8.07 -8.79 0.19
N MET B 20 -7.55 -8.74 -1.04
CA MET B 20 -7.91 -9.76 -2.02
C MET B 20 -7.29 -11.09 -1.63
N ASN B 21 -6.02 -11.04 -1.22
CA ASN B 21 -5.34 -12.27 -0.85
C ASN B 21 -6.08 -12.98 0.30
N SER B 22 -6.56 -12.16 1.24
CA SER B 22 -7.19 -12.66 2.45
C SER B 22 -8.56 -13.24 2.13
N LEU B 23 -9.30 -12.60 1.22
CA LEU B 23 -10.59 -13.10 0.79
C LEU B 23 -10.40 -14.48 0.16
N LEU B 24 -9.46 -14.59 -0.80
CA LEU B 24 -9.30 -15.81 -1.56
C LEU B 24 -9.22 -17.02 -0.64
N GLN B 25 -8.38 -16.94 0.38
CA GLN B 25 -8.19 -18.08 1.26
C GLN B 25 -9.54 -18.45 1.83
N THR B 26 -10.29 -17.43 2.27
CA THR B 26 -11.51 -17.69 3.00
C THR B 26 -12.47 -18.51 2.15
N LEU B 27 -12.63 -18.11 0.88
CA LEU B 27 -13.51 -18.82 -0.04
C LEU B 27 -12.95 -20.21 -0.31
N PHE B 28 -11.61 -20.31 -0.37
CA PHE B 28 -10.93 -21.55 -0.67
C PHE B 28 -11.32 -22.59 0.36
N PHE B 29 -11.23 -22.21 1.64
CA PHE B 29 -11.53 -23.11 2.73
C PHE B 29 -13.01 -23.13 3.10
N THR B 30 -13.88 -22.58 2.24
CA THR B 30 -15.29 -22.90 2.20
C THR B 30 -15.46 -24.14 1.31
N ASN B 31 -15.13 -25.32 1.86
CA ASN B 31 -14.80 -26.45 1.01
C ASN B 31 -15.93 -26.77 0.02
N GLN B 32 -17.17 -26.55 0.43
CA GLN B 32 -18.30 -26.86 -0.44
C GLN B 32 -18.34 -25.89 -1.61
N LEU B 33 -17.95 -24.65 -1.38
CA LEU B 33 -17.87 -23.68 -2.45
C LEU B 33 -16.86 -24.17 -3.47
N ARG B 34 -15.64 -24.46 -2.97
CA ARG B 34 -14.56 -25.00 -3.78
C ARG B 34 -15.09 -26.14 -4.65
N LYS B 35 -15.74 -27.14 -4.03
CA LYS B 35 -16.13 -28.35 -4.73
C LYS B 35 -16.96 -27.99 -5.95
N ALA B 36 -17.88 -27.05 -5.77
CA ALA B 36 -18.81 -26.68 -6.83
C ALA B 36 -18.09 -25.89 -7.91
N VAL B 37 -17.12 -25.07 -7.49
CA VAL B 37 -16.30 -24.30 -8.41
C VAL B 37 -15.54 -25.26 -9.32
N TYR B 38 -15.03 -26.33 -8.73
CA TYR B 38 -14.27 -27.32 -9.47
C TYR B 38 -15.16 -28.01 -10.52
N MET B 39 -16.49 -28.11 -10.29
CA MET B 39 -17.39 -28.79 -11.23
C MET B 39 -18.05 -27.82 -12.22
N MET B 40 -17.53 -26.61 -12.36
CA MET B 40 -18.11 -25.66 -13.29
C MET B 40 -17.65 -25.99 -14.71
N PRO B 41 -18.56 -26.09 -15.72
CA PRO B 41 -18.15 -26.23 -17.12
C PRO B 41 -17.35 -25.00 -17.51
N THR B 42 -16.12 -25.19 -17.99
CA THR B 42 -15.20 -24.08 -18.08
C THR B 42 -14.20 -24.27 -19.22
N GLU B 43 -14.54 -25.14 -20.19
CA GLU B 43 -13.61 -25.59 -21.20
C GLU B 43 -13.51 -24.56 -22.32
N GLY B 44 -14.61 -23.83 -22.58
CA GLY B 44 -14.68 -22.93 -23.71
C GLY B 44 -14.21 -21.50 -23.41
N ASP B 45 -14.07 -21.16 -22.12
CA ASP B 45 -13.78 -19.80 -21.69
C ASP B 45 -12.34 -19.40 -22.09
N ASP B 46 -12.10 -18.08 -22.20
CA ASP B 46 -10.78 -17.54 -22.50
C ASP B 46 -9.95 -17.40 -21.22
N SER B 47 -8.69 -17.86 -21.29
CA SER B 47 -7.86 -18.18 -20.13
C SER B 47 -7.81 -17.08 -19.08
N SER B 48 -7.49 -15.86 -19.51
CA SER B 48 -7.32 -14.77 -18.58
C SER B 48 -8.24 -13.60 -18.93
N LYS B 49 -9.32 -13.92 -19.65
CA LYS B 49 -10.48 -13.05 -19.75
C LYS B 49 -11.53 -13.50 -18.74
N SER B 50 -11.75 -14.83 -18.64
CA SER B 50 -12.76 -15.43 -17.79
C SER B 50 -12.37 -15.42 -16.31
N VAL B 51 -13.28 -14.96 -15.46
CA VAL B 51 -13.09 -15.00 -14.02
C VAL B 51 -13.29 -16.42 -13.50
N PRO B 52 -14.43 -17.11 -13.80
CA PRO B 52 -14.63 -18.50 -13.37
C PRO B 52 -13.47 -19.47 -13.61
N LEU B 53 -12.82 -19.36 -14.77
CA LEU B 53 -11.63 -20.14 -15.07
C LEU B 53 -10.50 -19.70 -14.14
N ALA B 54 -10.30 -18.38 -14.01
CA ALA B 54 -9.20 -17.87 -13.23
C ALA B 54 -9.33 -18.32 -11.79
N LEU B 55 -10.57 -18.39 -11.31
CA LEU B 55 -10.83 -18.74 -9.93
C LEU B 55 -10.48 -20.21 -9.70
N GLN B 56 -10.80 -21.06 -10.70
CA GLN B 56 -10.43 -22.47 -10.64
C GLN B 56 -8.91 -22.65 -10.59
N ARG B 57 -8.18 -21.86 -11.41
CA ARG B 57 -6.74 -21.96 -11.49
C ARG B 57 -6.13 -21.64 -10.13
N VAL B 58 -6.64 -20.60 -9.47
CA VAL B 58 -6.11 -20.18 -8.18
C VAL B 58 -6.37 -21.30 -7.14
N PHE B 59 -7.56 -21.90 -7.23
CA PHE B 59 -7.99 -22.90 -6.27
C PHE B 59 -7.13 -24.14 -6.38
N TYR B 60 -7.00 -24.61 -7.64
CA TYR B 60 -6.15 -25.73 -7.98
C TYR B 60 -4.78 -25.52 -7.35
N GLU B 61 -4.19 -24.35 -7.66
CA GLU B 61 -2.83 -24.00 -7.26
C GLU B 61 -2.65 -24.08 -5.74
N LEU B 62 -3.56 -23.49 -4.96
CA LEU B 62 -3.52 -23.59 -3.51
C LEU B 62 -3.55 -25.03 -2.99
N GLN B 63 -4.42 -25.85 -3.59
CA GLN B 63 -4.57 -27.23 -3.16
C GLN B 63 -3.37 -28.12 -3.49
N HIS B 64 -2.49 -27.71 -4.40
CA HIS B 64 -1.49 -28.62 -4.96
C HIS B 64 -0.07 -28.06 -4.87
N SER B 65 0.09 -26.75 -5.14
CA SER B 65 1.41 -26.13 -5.26
C SER B 65 2.18 -26.22 -3.96
N ASP B 66 3.52 -26.24 -4.08
CA ASP B 66 4.40 -26.18 -2.93
C ASP B 66 5.02 -24.79 -2.84
N LYS B 67 4.74 -23.94 -3.85
CA LYS B 67 5.28 -22.59 -3.88
C LYS B 67 4.15 -21.58 -3.68
N PRO B 68 4.41 -20.44 -3.01
CA PRO B 68 3.48 -19.32 -3.01
C PRO B 68 2.79 -19.21 -4.37
N VAL B 69 1.49 -18.88 -4.36
CA VAL B 69 0.61 -18.96 -5.51
C VAL B 69 0.28 -17.54 -6.03
N GLY B 70 -0.01 -17.44 -7.33
CA GLY B 70 -0.09 -16.16 -8.00
C GLY B 70 -1.49 -15.87 -8.53
N THR B 71 -1.81 -14.58 -8.61
CA THR B 71 -3.17 -14.10 -8.78
C THR B 71 -3.34 -13.22 -10.03
N LYS B 72 -2.28 -13.02 -10.82
CA LYS B 72 -2.24 -11.92 -11.78
C LYS B 72 -3.25 -12.13 -12.92
N LYS B 73 -3.39 -13.36 -13.39
CA LYS B 73 -4.36 -13.70 -14.43
C LYS B 73 -5.78 -13.40 -13.95
N LEU B 74 -5.99 -13.49 -12.63
CA LEU B 74 -7.29 -13.35 -12.02
C LEU B 74 -7.63 -11.87 -11.86
N THR B 75 -6.67 -11.08 -11.37
CA THR B 75 -6.79 -9.62 -11.26
C THR B 75 -7.28 -9.05 -12.59
N LYS B 76 -6.64 -9.53 -13.67
CA LYS B 76 -6.90 -9.10 -15.03
C LYS B 76 -8.33 -9.45 -15.43
N SER B 77 -8.79 -10.63 -15.01
CA SER B 77 -10.04 -11.18 -15.50
C SER B 77 -11.22 -10.32 -15.10
N PHE B 78 -11.13 -9.55 -14.00
CA PHE B 78 -12.22 -8.66 -13.63
C PHE B 78 -11.76 -7.19 -13.64
N GLY B 79 -10.50 -6.96 -13.98
CA GLY B 79 -10.11 -5.68 -14.53
C GLY B 79 -9.89 -4.63 -13.45
N TRP B 80 -9.37 -5.07 -12.30
CA TRP B 80 -8.95 -4.17 -11.24
C TRP B 80 -7.43 -4.09 -11.28
N GLU B 81 -6.89 -3.22 -12.14
CA GLU B 81 -5.45 -3.20 -12.35
C GLU B 81 -4.84 -1.82 -12.08
N THR B 82 -5.64 -0.92 -11.51
CA THR B 82 -5.14 0.41 -11.15
C THR B 82 -4.87 0.39 -9.66
N LEU B 83 -3.99 1.28 -9.19
CA LEU B 83 -3.60 1.30 -7.79
C LEU B 83 -4.82 1.40 -6.88
N ASP B 84 -5.70 2.37 -7.18
CA ASP B 84 -6.80 2.71 -6.28
C ASP B 84 -7.98 1.75 -6.46
N SER B 85 -7.96 0.91 -7.48
CA SER B 85 -9.10 0.06 -7.77
C SER B 85 -9.57 -0.73 -6.54
N PHE B 86 -8.62 -1.18 -5.69
CA PHE B 86 -8.92 -1.95 -4.49
C PHE B 86 -9.15 -1.07 -3.26
N MET B 87 -8.38 0.03 -3.15
CA MET B 87 -8.56 1.05 -2.14
C MET B 87 -10.00 1.57 -2.13
N GLN B 88 -10.62 1.60 -3.32
CA GLN B 88 -11.82 2.38 -3.60
C GLN B 88 -13.09 1.54 -3.56
N HIS B 89 -12.96 0.20 -3.51
CA HIS B 89 -14.09 -0.69 -3.28
C HIS B 89 -13.99 -1.38 -1.92
N ASP B 90 -15.16 -1.74 -1.39
CA ASP B 90 -15.26 -2.47 -0.13
C ASP B 90 -15.12 -3.97 -0.39
N VAL B 91 -14.71 -4.70 0.65
CA VAL B 91 -14.35 -6.11 0.53
C VAL B 91 -15.53 -6.94 0.04
N GLN B 92 -16.74 -6.62 0.51
CA GLN B 92 -17.90 -7.41 0.13
C GLN B 92 -18.30 -7.07 -1.29
N GLU B 93 -17.73 -5.99 -1.85
CA GLU B 93 -17.99 -5.66 -3.25
C GLU B 93 -17.22 -6.66 -4.12
N LEU B 94 -15.94 -6.87 -3.79
CA LEU B 94 -15.13 -7.90 -4.45
C LEU B 94 -15.82 -9.25 -4.33
N CYS B 95 -16.20 -9.61 -3.10
CA CYS B 95 -16.87 -10.86 -2.87
C CYS B 95 -18.07 -11.04 -3.81
N ARG B 96 -18.76 -9.96 -4.16
CA ARG B 96 -19.96 -10.09 -4.97
C ARG B 96 -19.59 -10.34 -6.44
N VAL B 97 -18.62 -9.59 -6.97
CA VAL B 97 -18.05 -9.80 -8.29
C VAL B 97 -17.67 -11.27 -8.47
N LEU B 98 -17.01 -11.84 -7.46
CA LEU B 98 -16.56 -13.22 -7.59
C LEU B 98 -17.75 -14.18 -7.55
N LEU B 99 -18.56 -14.10 -6.49
CA LEU B 99 -19.63 -15.05 -6.27
C LEU B 99 -20.64 -15.03 -7.42
N ASP B 100 -20.91 -13.85 -7.97
CA ASP B 100 -22.02 -13.73 -8.90
C ASP B 100 -21.62 -14.33 -10.24
N ASN B 101 -20.32 -14.21 -10.58
CA ASN B 101 -19.77 -14.87 -11.75
C ASN B 101 -19.86 -16.39 -11.66
N VAL B 102 -19.66 -16.94 -10.46
CA VAL B 102 -19.66 -18.38 -10.27
C VAL B 102 -21.10 -18.89 -10.11
N GLU B 103 -21.95 -18.10 -9.44
CA GLU B 103 -23.37 -18.42 -9.29
C GLU B 103 -24.02 -18.53 -10.65
N ASN B 104 -23.53 -17.70 -11.57
CA ASN B 104 -24.09 -17.57 -12.90
C ASN B 104 -23.61 -18.72 -13.80
N LYS B 105 -22.33 -19.07 -13.68
CA LYS B 105 -21.72 -20.17 -14.40
C LYS B 105 -22.35 -21.50 -13.99
N MET B 106 -22.67 -21.65 -12.69
CA MET B 106 -23.20 -22.88 -12.14
C MET B 106 -24.61 -23.11 -12.63
N LYS B 107 -25.31 -22.01 -12.91
CA LYS B 107 -26.67 -22.03 -13.44
C LYS B 107 -26.76 -22.98 -14.63
N GLY B 108 -27.67 -23.94 -14.53
CA GLY B 108 -27.90 -24.89 -15.60
C GLY B 108 -27.05 -26.14 -15.44
N THR B 109 -26.19 -26.19 -14.41
CA THR B 109 -25.40 -27.38 -14.15
C THR B 109 -26.12 -28.17 -13.07
N CYS B 110 -25.43 -29.24 -12.61
CA CYS B 110 -25.83 -30.03 -11.46
C CYS B 110 -25.67 -29.25 -10.15
N VAL B 111 -24.87 -28.17 -10.15
CA VAL B 111 -24.52 -27.43 -8.95
C VAL B 111 -25.20 -26.07 -8.93
N GLU B 112 -26.16 -25.83 -9.83
CA GLU B 112 -26.99 -24.63 -9.81
C GLU B 112 -27.44 -24.38 -8.36
N GLY B 113 -27.16 -23.17 -7.85
CA GLY B 113 -27.74 -22.71 -6.61
C GLY B 113 -26.87 -22.94 -5.37
N THR B 114 -25.62 -23.39 -5.54
CA THR B 114 -24.73 -23.57 -4.41
C THR B 114 -24.55 -22.25 -3.68
N ILE B 115 -24.42 -21.14 -4.42
CA ILE B 115 -23.97 -19.91 -3.83
C ILE B 115 -25.04 -19.41 -2.86
N PRO B 116 -26.30 -19.22 -3.32
CA PRO B 116 -27.34 -18.70 -2.44
C PRO B 116 -27.66 -19.70 -1.34
N LYS B 117 -27.50 -21.01 -1.63
CA LYS B 117 -27.77 -22.04 -0.65
C LYS B 117 -26.84 -21.85 0.55
N LEU B 118 -25.62 -21.36 0.28
CA LEU B 118 -24.57 -21.18 1.28
C LEU B 118 -24.62 -19.81 1.95
N PHE B 119 -24.99 -18.75 1.22
CA PHE B 119 -24.65 -17.41 1.66
C PHE B 119 -25.88 -16.52 1.89
N ARG B 120 -27.03 -16.88 1.30
CA ARG B 120 -28.16 -15.98 1.25
C ARG B 120 -29.16 -16.29 2.36
N GLY B 121 -29.38 -15.33 3.27
CA GLY B 121 -30.43 -15.42 4.29
C GLY B 121 -31.55 -14.44 3.98
N LYS B 122 -32.63 -14.48 4.77
CA LYS B 122 -33.77 -13.61 4.53
C LYS B 122 -33.98 -12.68 5.72
N MET B 123 -34.37 -11.45 5.40
CA MET B 123 -34.87 -10.48 6.36
C MET B 123 -36.29 -10.11 5.96
N VAL B 124 -36.96 -9.42 6.89
CA VAL B 124 -38.16 -8.66 6.60
C VAL B 124 -37.94 -7.22 7.04
N SER B 125 -38.25 -6.29 6.12
CA SER B 125 -38.23 -4.87 6.43
C SER B 125 -39.68 -4.40 6.57
N TYR B 126 -39.93 -3.64 7.65
CA TYR B 126 -41.26 -3.16 7.98
C TYR B 126 -41.22 -1.66 8.22
N ILE B 127 -42.27 -0.98 7.73
CA ILE B 127 -42.65 0.32 8.22
C ILE B 127 -44.03 0.24 8.89
N GLN B 128 -44.12 0.82 10.08
CA GLN B 128 -45.30 0.79 10.93
C GLN B 128 -45.59 2.21 11.42
N CYS B 129 -46.75 2.77 11.01
CA CYS B 129 -47.15 4.10 11.40
C CYS B 129 -47.65 4.12 12.84
N LYS B 130 -47.42 5.25 13.53
CA LYS B 130 -47.84 5.38 14.92
C LYS B 130 -49.31 5.82 15.01
N GLU B 131 -49.64 6.95 14.38
CA GLU B 131 -50.97 7.52 14.48
C GLU B 131 -52.01 6.60 13.83
N VAL B 132 -51.79 6.24 12.55
CA VAL B 132 -52.78 5.53 11.77
C VAL B 132 -52.57 4.02 11.89
N ASP B 133 -53.37 3.27 11.14
CA ASP B 133 -53.41 1.82 11.19
C ASP B 133 -52.89 1.28 9.86
N TYR B 134 -51.56 1.32 9.67
CA TYR B 134 -50.96 0.95 8.39
C TYR B 134 -49.59 0.31 8.59
N ARG B 135 -49.31 -0.77 7.83
CA ARG B 135 -48.04 -1.48 7.93
C ARG B 135 -47.62 -2.06 6.58
N SER B 136 -46.32 -1.93 6.27
CA SER B 136 -45.74 -2.42 5.02
C SER B 136 -44.54 -3.32 5.34
N ASP B 137 -44.78 -4.64 5.28
CA ASP B 137 -43.78 -5.66 5.57
C ASP B 137 -43.30 -6.28 4.26
N ARG B 138 -41.97 -6.35 4.07
CA ARG B 138 -41.40 -6.84 2.82
C ARG B 138 -40.11 -7.60 3.09
N ARG B 139 -39.85 -8.59 2.24
CA ARG B 139 -38.73 -9.50 2.39
C ARG B 139 -37.49 -8.90 1.74
N GLU B 140 -36.39 -8.77 2.49
CA GLU B 140 -35.12 -8.48 1.85
C GLU B 140 -34.25 -9.74 1.90
N ASP B 141 -33.40 -9.89 0.88
CA ASP B 141 -32.40 -10.94 0.82
C ASP B 141 -31.01 -10.35 1.05
N TYR B 142 -30.09 -11.17 1.57
CA TYR B 142 -28.76 -10.67 1.88
C TYR B 142 -27.74 -11.80 1.74
N TYR B 143 -26.56 -11.42 1.29
CA TYR B 143 -25.45 -12.35 1.19
C TYR B 143 -24.38 -11.98 2.22
N ASP B 144 -24.67 -10.93 3.02
CA ASP B 144 -23.70 -10.42 3.98
C ASP B 144 -24.33 -9.30 4.81
N ILE B 145 -23.81 -9.10 6.00
CA ILE B 145 -24.32 -8.05 6.89
C ILE B 145 -23.19 -7.07 7.20
N GLN B 146 -23.50 -5.78 7.10
CA GLN B 146 -22.53 -4.74 7.46
C GLN B 146 -22.97 -4.22 8.83
N LEU B 147 -22.23 -4.60 9.88
CA LEU B 147 -22.52 -4.22 11.26
C LEU B 147 -21.72 -2.98 11.65
N SER B 148 -22.36 -2.16 12.50
CA SER B 148 -21.82 -0.92 13.01
C SER B 148 -20.94 -1.18 14.22
N ILE B 149 -19.84 -0.42 14.37
CA ILE B 149 -18.94 -0.61 15.51
C ILE B 149 -18.84 0.66 16.34
N LYS B 150 -19.08 1.83 15.75
CA LYS B 150 -18.81 3.08 16.47
C LYS B 150 -19.80 3.22 17.63
N GLY B 151 -19.26 3.30 18.85
CA GLY B 151 -20.08 3.37 20.04
C GLY B 151 -20.43 1.99 20.60
N LYS B 152 -20.18 0.93 19.84
CA LYS B 152 -20.56 -0.41 20.23
C LYS B 152 -19.31 -1.13 20.74
N LYS B 153 -19.46 -1.86 21.84
CA LYS B 153 -18.32 -2.42 22.55
C LYS B 153 -18.06 -3.86 22.08
N ASN B 154 -19.15 -4.56 21.71
CA ASN B 154 -19.07 -5.94 21.30
C ASN B 154 -20.17 -6.23 20.27
N ILE B 155 -20.17 -7.44 19.73
CA ILE B 155 -20.93 -7.74 18.53
C ILE B 155 -22.40 -7.87 18.87
N PHE B 156 -22.71 -8.24 20.12
CA PHE B 156 -24.09 -8.42 20.54
C PHE B 156 -24.80 -7.07 20.48
N GLU B 157 -24.15 -6.04 21.01
CA GLU B 157 -24.64 -4.69 20.85
C GLU B 157 -24.78 -4.29 19.37
N SER B 158 -23.97 -4.86 18.46
CA SER B 158 -24.11 -4.55 17.03
C SER B 158 -25.44 -5.08 16.49
N PHE B 159 -25.72 -6.35 16.79
CA PHE B 159 -26.92 -6.98 16.28
C PHE B 159 -28.14 -6.30 16.87
N VAL B 160 -28.08 -6.01 18.17
CA VAL B 160 -29.15 -5.28 18.81
C VAL B 160 -29.46 -4.02 18.01
N ASP B 161 -28.46 -3.16 17.84
CA ASP B 161 -28.63 -1.93 17.08
C ASP B 161 -29.09 -2.24 15.66
N TYR B 162 -28.74 -3.41 15.11
CA TYR B 162 -29.08 -3.72 13.73
C TYR B 162 -30.59 -3.85 13.60
N VAL B 163 -31.25 -4.46 14.60
CA VAL B 163 -32.68 -4.70 14.54
C VAL B 163 -33.42 -3.71 15.43
N ALA B 164 -32.72 -2.67 15.90
CA ALA B 164 -33.37 -1.57 16.58
C ALA B 164 -34.41 -0.94 15.65
N VAL B 165 -35.24 -0.08 16.24
CA VAL B 165 -36.29 0.63 15.53
C VAL B 165 -35.85 2.07 15.31
N GLU B 166 -36.05 2.61 14.10
CA GLU B 166 -35.77 4.01 13.85
C GLU B 166 -37.12 4.75 13.80
N GLN B 167 -37.08 6.04 14.15
CA GLN B 167 -38.26 6.88 14.17
C GLN B 167 -38.27 7.73 12.90
N LEU B 168 -39.40 7.70 12.19
CA LEU B 168 -39.64 8.65 11.11
C LEU B 168 -40.58 9.74 11.63
N ASP B 169 -40.02 10.86 12.11
CA ASP B 169 -40.80 11.99 12.57
C ASP B 169 -40.15 13.29 12.08
N GLY B 170 -40.88 14.41 12.17
CA GLY B 170 -40.38 15.70 11.70
C GLY B 170 -40.19 15.70 10.19
N ASP B 171 -39.11 16.33 9.70
CA ASP B 171 -38.84 16.40 8.28
C ASP B 171 -38.83 15.01 7.63
N ASN B 172 -38.06 14.08 8.19
CA ASN B 172 -38.09 12.71 7.72
C ASN B 172 -39.39 12.06 8.19
N LYS B 173 -40.47 12.34 7.45
CA LYS B 173 -41.78 11.76 7.70
C LYS B 173 -42.05 10.72 6.62
N TYR B 174 -42.90 9.73 6.92
CA TYR B 174 -43.21 8.68 5.95
C TYR B 174 -44.40 9.07 5.07
N ASP B 175 -44.32 8.75 3.78
CA ASP B 175 -45.46 8.96 2.90
C ASP B 175 -46.39 7.75 3.02
N ALA B 176 -47.40 7.83 3.91
CA ALA B 176 -48.35 6.75 4.08
C ALA B 176 -49.24 6.60 2.84
N GLY B 177 -49.02 7.47 1.86
CA GLY B 177 -49.73 7.39 0.60
C GLY B 177 -51.16 7.86 0.77
N GLU B 178 -52.10 6.90 0.81
CA GLU B 178 -53.50 7.20 1.05
C GLU B 178 -53.64 7.99 2.35
N HIS B 179 -52.86 7.64 3.38
CA HIS B 179 -52.97 8.25 4.69
C HIS B 179 -52.16 9.53 4.80
N GLY B 180 -51.52 9.96 3.70
CA GLY B 180 -50.78 11.21 3.69
C GLY B 180 -49.46 11.07 4.44
N LEU B 181 -48.87 12.21 4.81
CA LEU B 181 -47.58 12.22 5.48
C LEU B 181 -47.79 11.81 6.94
N GLN B 182 -46.95 10.88 7.43
CA GLN B 182 -47.18 10.28 8.72
C GLN B 182 -45.92 10.29 9.58
N GLU B 183 -46.10 9.84 10.82
CA GLU B 183 -45.00 9.56 11.71
C GLU B 183 -45.04 8.06 11.98
N ALA B 184 -43.87 7.41 11.91
CA ALA B 184 -43.81 5.96 11.83
C ALA B 184 -42.53 5.42 12.45
N GLU B 185 -42.50 4.09 12.59
CA GLU B 185 -41.35 3.34 13.04
C GLU B 185 -40.92 2.38 11.93
N LYS B 186 -39.61 2.33 11.64
CA LYS B 186 -39.06 1.38 10.68
C LYS B 186 -38.00 0.51 11.36
N GLY B 187 -37.98 -0.78 11.00
CA GLY B 187 -36.92 -1.68 11.46
C GLY B 187 -36.85 -2.94 10.60
N VAL B 188 -35.82 -3.77 10.85
CA VAL B 188 -35.66 -5.06 10.18
C VAL B 188 -35.70 -6.18 11.22
N LYS B 189 -36.12 -7.37 10.77
CA LYS B 189 -36.02 -8.57 11.59
C LYS B 189 -35.55 -9.76 10.75
N PHE B 190 -34.75 -10.65 11.36
CA PHE B 190 -34.22 -11.80 10.66
C PHE B 190 -35.28 -12.88 10.52
N LEU B 191 -35.41 -13.44 9.32
CA LEU B 191 -36.23 -14.63 9.10
C LEU B 191 -35.32 -15.85 9.04
N THR B 192 -34.19 -15.76 8.31
CA THR B 192 -33.27 -16.88 8.23
C THR B 192 -31.82 -16.41 8.09
N LEU B 193 -30.93 -17.18 8.73
CA LEU B 193 -29.51 -16.93 8.73
C LEU B 193 -28.83 -18.07 7.99
N PRO B 194 -27.98 -17.80 6.97
CA PRO B 194 -27.53 -18.86 6.07
C PRO B 194 -26.47 -19.71 6.75
N PRO B 195 -26.03 -20.81 6.10
CA PRO B 195 -24.96 -21.65 6.65
C PRO B 195 -23.71 -20.85 6.98
N VAL B 196 -23.32 -19.97 6.05
CA VAL B 196 -22.10 -19.20 6.18
C VAL B 196 -22.47 -17.73 6.35
N LEU B 197 -21.89 -17.10 7.38
CA LEU B 197 -22.22 -15.72 7.70
C LEU B 197 -21.00 -14.84 7.40
N HIS B 198 -21.10 -13.96 6.40
CA HIS B 198 -20.14 -12.89 6.21
C HIS B 198 -20.56 -11.63 6.94
N LEU B 199 -19.76 -11.20 7.92
CA LEU B 199 -20.06 -10.00 8.69
C LEU B 199 -18.97 -8.94 8.50
N GLN B 200 -19.31 -7.84 7.83
CA GLN B 200 -18.34 -6.77 7.68
C GLN B 200 -18.55 -5.78 8.82
N LEU B 201 -17.46 -5.41 9.49
CA LEU B 201 -17.51 -4.38 10.51
C LEU B 201 -17.17 -3.08 9.81
N MET B 202 -17.81 -1.97 10.19
CA MET B 202 -17.59 -0.75 9.44
C MET B 202 -16.66 0.17 10.21
N ARG B 203 -15.36 0.02 9.95
CA ARG B 203 -14.31 0.83 10.56
C ARG B 203 -13.88 2.00 9.66
N PHE B 204 -14.32 2.01 8.40
CA PHE B 204 -13.90 3.05 7.48
C PHE B 204 -15.04 4.06 7.37
N MET B 205 -14.87 5.24 8.00
CA MET B 205 -15.92 6.25 8.09
C MET B 205 -15.79 7.34 7.02
N TYR B 206 -16.29 8.57 7.30
CA TYR B 206 -16.40 9.62 6.29
C TYR B 206 -15.29 10.66 6.46
N ASP B 207 -15.57 11.92 6.07
CA ASP B 207 -14.55 12.96 6.00
C ASP B 207 -15.00 14.26 6.67
N PRO B 208 -14.87 14.42 8.00
CA PRO B 208 -15.07 15.71 8.65
C PRO B 208 -13.72 16.40 8.76
N GLN B 209 -12.71 15.84 8.08
CA GLN B 209 -11.36 16.37 8.12
C GLN B 209 -11.39 17.89 8.34
N ASN B 213 -13.23 7.59 4.34
CA ASN B 213 -12.04 8.48 4.38
C ASN B 213 -11.13 8.12 5.57
N ILE B 214 -11.69 7.76 6.75
CA ILE B 214 -10.90 7.53 7.95
C ILE B 214 -11.18 6.14 8.52
N LYS B 215 -10.11 5.46 9.00
CA LYS B 215 -10.25 4.16 9.64
C LYS B 215 -10.24 4.31 11.17
N ILE B 216 -11.22 3.66 11.81
CA ILE B 216 -11.41 3.67 13.25
C ILE B 216 -10.71 2.46 13.85
N ASN B 217 -9.95 2.65 14.94
CA ASN B 217 -9.25 1.57 15.62
C ASN B 217 -9.82 1.32 17.01
N ASP B 218 -11.14 1.43 17.14
CA ASP B 218 -11.84 1.23 18.40
C ASP B 218 -11.89 -0.27 18.72
N ARG B 219 -11.70 -0.59 20.01
CA ARG B 219 -12.06 -1.91 20.52
C ARG B 219 -13.46 -2.32 20.06
N PHE B 220 -13.55 -3.58 19.63
CA PHE B 220 -14.83 -4.19 19.33
C PHE B 220 -14.70 -5.69 19.45
N GLU B 221 -15.27 -6.28 20.51
CA GLU B 221 -15.08 -7.69 20.79
C GLU B 221 -16.04 -8.52 19.91
N PHE B 222 -15.63 -9.76 19.58
CA PHE B 222 -16.51 -10.77 19.02
C PHE B 222 -16.15 -12.12 19.62
N PRO B 223 -17.10 -13.07 19.70
CA PRO B 223 -16.86 -14.38 20.32
C PRO B 223 -16.47 -15.51 19.37
N GLU B 224 -15.96 -16.62 19.93
CA GLU B 224 -15.71 -17.85 19.18
C GLU B 224 -17.03 -18.51 18.75
N GLN B 225 -17.97 -18.65 19.70
CA GLN B 225 -19.34 -19.06 19.42
C GLN B 225 -20.31 -17.89 19.57
N LEU B 226 -21.16 -17.73 18.56
CA LEU B 226 -22.12 -16.64 18.47
C LEU B 226 -23.52 -17.24 18.37
N PRO B 227 -24.30 -17.20 19.48
CA PRO B 227 -25.68 -17.69 19.46
C PRO B 227 -26.64 -16.58 19.05
N LEU B 228 -27.47 -16.84 18.03
CA LEU B 228 -28.26 -15.80 17.38
C LEU B 228 -29.75 -16.13 17.41
N ASP B 229 -30.16 -17.22 18.10
CA ASP B 229 -31.57 -17.60 18.17
C ASP B 229 -32.43 -16.41 18.56
N GLU B 230 -31.91 -15.55 19.44
CA GLU B 230 -32.66 -14.44 19.98
C GLU B 230 -33.04 -13.41 18.90
N PHE B 231 -32.29 -13.32 17.81
CA PHE B 231 -32.51 -12.26 16.83
C PHE B 231 -33.43 -12.70 15.69
N LEU B 232 -33.72 -14.01 15.64
CA LEU B 232 -34.67 -14.55 14.68
C LEU B 232 -36.08 -14.18 15.10
N GLN B 233 -37.00 -14.17 14.14
CA GLN B 233 -38.40 -13.87 14.40
C GLN B 233 -39.13 -15.12 14.88
N LYS B 234 -38.69 -16.31 14.44
CA LYS B 234 -39.09 -17.57 15.06
C LYS B 234 -37.92 -18.57 14.99
N THR B 235 -37.68 -19.31 16.09
CA THR B 235 -36.62 -20.29 16.12
C THR B 235 -37.19 -21.70 15.98
N ASP B 236 -36.30 -22.64 15.64
CA ASP B 236 -36.62 -24.04 15.54
C ASP B 236 -35.92 -24.77 16.69
N PRO B 237 -36.57 -25.79 17.29
CA PRO B 237 -35.88 -26.69 18.22
C PRO B 237 -34.70 -27.48 17.66
N LYS B 238 -34.87 -28.11 16.49
CA LYS B 238 -33.93 -29.10 15.96
C LYS B 238 -32.68 -28.45 15.34
N ASP B 239 -32.84 -27.31 14.68
CA ASP B 239 -31.74 -26.61 14.03
C ASP B 239 -31.72 -25.18 14.53
N PRO B 240 -31.11 -24.89 15.70
CA PRO B 240 -30.99 -23.51 16.18
C PRO B 240 -29.80 -22.84 15.51
N ALA B 241 -29.63 -21.56 15.82
CA ALA B 241 -28.70 -20.67 15.14
C ALA B 241 -27.50 -20.36 16.05
N ASN B 242 -26.65 -21.37 16.30
CA ASN B 242 -25.34 -21.15 16.91
C ASN B 242 -24.28 -21.19 15.82
N TYR B 243 -23.38 -20.21 15.82
CA TYR B 243 -22.43 -20.04 14.74
C TYR B 243 -21.01 -20.15 15.27
N ILE B 244 -20.16 -20.93 14.59
CA ILE B 244 -18.77 -21.14 15.00
C ILE B 244 -17.88 -20.23 14.16
N LEU B 245 -16.97 -19.52 14.83
CA LEU B 245 -16.07 -18.63 14.11
C LEU B 245 -15.17 -19.49 13.24
N HIS B 246 -14.94 -19.02 12.00
CA HIS B 246 -14.13 -19.75 11.04
C HIS B 246 -12.92 -18.94 10.58
N ALA B 247 -13.12 -17.66 10.26
CA ALA B 247 -12.02 -16.80 9.82
C ALA B 247 -12.26 -15.36 10.25
N VAL B 248 -11.12 -14.64 10.32
CA VAL B 248 -11.02 -13.34 10.92
C VAL B 248 -10.14 -12.50 10.02
N LEU B 249 -10.73 -11.69 9.16
CA LEU B 249 -9.95 -10.86 8.25
C LEU B 249 -9.49 -9.63 9.03
N VAL B 250 -8.28 -9.15 8.71
CA VAL B 250 -7.53 -8.22 9.55
C VAL B 250 -6.75 -7.22 8.70
N HIS B 251 -6.44 -6.05 9.28
CA HIS B 251 -5.70 -5.00 8.57
C HIS B 251 -4.94 -4.07 9.53
N SER B 252 -3.76 -3.60 9.11
CA SER B 252 -2.99 -2.59 9.84
C SER B 252 -2.54 -1.53 8.85
N GLY B 253 -2.81 -0.26 9.15
CA GLY B 253 -2.58 0.83 8.21
C GLY B 253 -1.10 0.98 7.84
N ASP B 254 -0.81 0.92 6.53
CA ASP B 254 0.54 1.02 6.00
C ASP B 254 0.45 1.85 4.73
N ASN B 255 1.55 2.54 4.38
CA ASN B 255 1.63 3.26 3.12
C ASN B 255 2.43 2.43 2.13
N HIS B 256 2.51 1.11 2.35
CA HIS B 256 3.12 0.16 1.42
C HIS B 256 1.99 -0.56 0.66
N GLY B 257 0.75 -0.14 0.89
CA GLY B 257 -0.43 -0.82 0.35
C GLY B 257 -1.27 -1.43 1.47
N GLY B 258 -0.87 -1.16 2.72
CA GLY B 258 -1.59 -1.62 3.90
C GLY B 258 -1.12 -3.01 4.29
N HIS B 259 -1.10 -3.29 5.60
CA HIS B 259 -0.86 -4.65 6.06
C HIS B 259 -2.20 -5.37 6.10
N TYR B 260 -2.26 -6.58 5.52
CA TYR B 260 -3.48 -7.36 5.47
C TYR B 260 -3.22 -8.86 5.69
N VAL B 261 -4.04 -9.45 6.56
CA VAL B 261 -3.84 -10.80 7.06
C VAL B 261 -5.21 -11.45 7.24
N VAL B 262 -5.27 -12.78 7.14
CA VAL B 262 -6.47 -13.51 7.50
C VAL B 262 -6.07 -14.65 8.41
N TYR B 263 -6.64 -14.67 9.63
CA TYR B 263 -6.53 -15.80 10.54
C TYR B 263 -7.66 -16.78 10.24
N LEU B 264 -7.36 -18.07 10.28
CA LEU B 264 -8.27 -19.08 9.77
C LEU B 264 -8.13 -20.34 10.58
N ASN B 265 -9.27 -20.99 10.89
CA ASN B 265 -9.23 -22.31 11.51
C ASN B 265 -9.96 -23.26 10.58
N PRO B 266 -9.30 -23.71 9.50
CA PRO B 266 -9.97 -24.30 8.34
C PRO B 266 -10.79 -25.55 8.62
N LYS B 267 -10.22 -26.50 9.36
CA LYS B 267 -10.97 -27.71 9.67
C LYS B 267 -12.12 -27.38 10.61
N GLY B 268 -12.07 -26.25 11.31
CA GLY B 268 -13.18 -25.84 12.16
C GLY B 268 -13.03 -26.45 13.56
N ASP B 269 -11.89 -27.10 13.77
CA ASP B 269 -11.62 -27.85 14.99
C ASP B 269 -10.99 -26.91 16.03
N GLY B 270 -10.88 -25.63 15.69
CA GLY B 270 -10.33 -24.66 16.62
C GLY B 270 -8.81 -24.60 16.57
N LYS B 271 -8.19 -25.26 15.56
CA LYS B 271 -6.75 -25.19 15.36
C LYS B 271 -6.49 -24.08 14.35
N TRP B 272 -5.94 -22.95 14.83
CA TRP B 272 -5.90 -21.71 14.08
C TRP B 272 -4.60 -21.58 13.29
N CYS B 273 -4.68 -20.98 12.09
CA CYS B 273 -3.51 -20.57 11.33
C CYS B 273 -3.63 -19.12 10.85
N LYS B 274 -2.46 -18.52 10.60
CA LYS B 274 -2.29 -17.18 10.04
C LYS B 274 -1.84 -17.27 8.58
N PHE B 275 -2.50 -16.49 7.71
CA PHE B 275 -2.19 -16.50 6.30
C PHE B 275 -1.73 -15.12 5.87
N ASP B 276 -0.41 -14.89 5.88
CA ASP B 276 0.16 -13.60 5.50
C ASP B 276 0.92 -13.77 4.20
N ASP B 277 0.23 -13.50 3.09
CA ASP B 277 0.81 -13.59 1.76
C ASP B 277 1.43 -14.99 1.63
N ASP B 278 2.75 -15.09 1.54
CA ASP B 278 3.45 -16.34 1.30
C ASP B 278 3.68 -17.11 2.61
N VAL B 279 3.53 -16.42 3.74
CA VAL B 279 3.84 -16.98 5.06
C VAL B 279 2.56 -17.54 5.66
N VAL B 280 2.58 -18.85 5.96
CA VAL B 280 1.45 -19.51 6.60
C VAL B 280 1.96 -20.30 7.80
N SER B 281 1.61 -19.79 8.98
CA SER B 281 2.11 -20.25 10.26
C SER B 281 0.96 -20.63 11.18
N ARG B 282 1.11 -21.71 11.96
CA ARG B 282 0.16 -21.95 13.04
C ARG B 282 0.29 -20.81 14.05
N CYS B 283 -0.77 -20.58 14.82
CA CYS B 283 -0.79 -19.49 15.79
C CYS B 283 -1.89 -19.74 16.81
N THR B 284 -1.88 -18.92 17.87
CA THR B 284 -2.76 -19.17 19.00
C THR B 284 -4.15 -18.64 18.70
N LYS B 285 -5.11 -19.19 19.46
CA LYS B 285 -6.50 -18.77 19.42
C LYS B 285 -6.58 -17.29 19.80
N GLU B 286 -5.71 -16.86 20.74
CA GLU B 286 -5.67 -15.50 21.29
C GLU B 286 -5.18 -14.49 20.24
N GLU B 287 -4.32 -14.95 19.33
CA GLU B 287 -3.84 -14.09 18.27
C GLU B 287 -4.93 -13.93 17.21
N ALA B 288 -5.73 -14.98 17.02
CA ALA B 288 -6.75 -14.90 15.99
C ALA B 288 -7.93 -14.06 16.48
N ILE B 289 -8.32 -14.20 17.75
CA ILE B 289 -9.55 -13.57 18.23
C ILE B 289 -9.26 -12.29 19.03
N GLU B 290 -8.89 -12.43 20.30
CA GLU B 290 -8.72 -11.29 21.19
C GLU B 290 -7.75 -10.23 20.64
N HIS B 291 -6.60 -10.65 20.10
CA HIS B 291 -5.59 -9.70 19.65
C HIS B 291 -6.08 -8.95 18.39
N ASN B 292 -7.38 -9.07 18.09
CA ASN B 292 -7.96 -8.40 16.92
C ASN B 292 -9.15 -7.56 17.35
N TYR B 293 -9.33 -7.40 18.67
CA TYR B 293 -10.35 -6.50 19.19
C TYR B 293 -9.91 -5.06 19.00
N GLY B 294 -8.60 -4.83 18.79
CA GLY B 294 -8.11 -3.48 18.57
C GLY B 294 -8.21 -2.62 19.83
N GLY B 295 -8.06 -1.30 19.65
CA GLY B 295 -8.05 -0.35 20.75
C GLY B 295 -6.88 0.60 20.64
N ARG B 303 -3.82 1.97 17.13
CA ARG B 303 -3.45 2.74 15.92
C ARG B 303 -2.75 1.87 14.88
N HIS B 304 -2.23 0.71 15.29
CA HIS B 304 -1.64 -0.26 14.37
C HIS B 304 -2.09 -1.68 14.75
N CYS B 305 -1.13 -2.49 15.23
CA CYS B 305 -1.40 -3.88 15.59
C CYS B 305 -2.27 -4.50 14.50
N THR B 306 -3.42 -5.05 14.86
CA THR B 306 -4.27 -5.79 13.95
C THR B 306 -5.70 -5.70 14.46
N ASN B 307 -6.59 -5.23 13.59
CA ASN B 307 -8.01 -5.14 13.90
C ASN B 307 -8.74 -5.89 12.79
N ALA B 308 -9.89 -6.45 13.17
CA ALA B 308 -10.75 -7.16 12.26
C ALA B 308 -11.65 -6.19 11.49
N TYR B 309 -11.94 -6.51 10.22
CA TYR B 309 -12.88 -5.75 9.42
C TYR B 309 -13.91 -6.68 8.76
N MET B 310 -13.67 -7.99 8.84
CA MET B 310 -14.64 -8.96 8.36
C MET B 310 -14.51 -10.25 9.16
N LEU B 311 -15.63 -10.88 9.44
CA LEU B 311 -15.66 -12.12 10.22
C LEU B 311 -16.51 -13.11 9.44
N VAL B 312 -16.04 -14.35 9.36
CA VAL B 312 -16.88 -15.40 8.81
C VAL B 312 -17.27 -16.37 9.92
N TYR B 313 -18.58 -16.65 10.02
CA TYR B 313 -19.10 -17.66 10.94
C TYR B 313 -19.83 -18.76 10.16
N ILE B 314 -19.78 -19.99 10.69
CA ILE B 314 -20.50 -21.14 10.13
C ILE B 314 -21.43 -21.70 11.21
N ARG B 315 -22.66 -22.05 10.81
CA ARG B 315 -23.65 -22.64 11.71
C ARG B 315 -23.20 -24.03 12.15
N GLU B 316 -23.33 -24.31 13.45
CA GLU B 316 -22.81 -25.54 14.03
C GLU B 316 -23.38 -26.74 13.26
N SER B 317 -24.67 -26.71 12.94
CA SER B 317 -25.34 -27.83 12.29
C SER B 317 -24.81 -28.12 10.90
N LYS B 318 -23.97 -27.23 10.34
CA LYS B 318 -23.61 -27.32 8.93
C LYS B 318 -22.11 -27.44 8.71
N LEU B 319 -21.30 -27.35 9.77
CA LEU B 319 -19.85 -27.32 9.63
C LEU B 319 -19.37 -28.42 8.69
N SER B 320 -19.84 -29.65 8.96
CA SER B 320 -19.19 -30.84 8.45
C SER B 320 -19.46 -31.01 6.97
N GLU B 321 -20.68 -30.61 6.58
CA GLU B 321 -21.13 -30.57 5.20
C GLU B 321 -20.31 -29.51 4.46
N VAL B 322 -20.28 -28.31 5.06
CA VAL B 322 -19.66 -27.12 4.47
C VAL B 322 -18.14 -27.30 4.40
N LEU B 323 -17.59 -28.04 5.37
CA LEU B 323 -16.16 -28.22 5.46
C LEU B 323 -15.74 -29.62 5.05
N GLN B 324 -16.62 -30.35 4.36
CA GLN B 324 -16.29 -31.64 3.77
C GLN B 324 -14.94 -31.59 3.06
N ALA B 325 -14.12 -32.63 3.25
CA ALA B 325 -12.78 -32.61 2.69
C ALA B 325 -12.85 -32.74 1.17
N VAL B 326 -11.77 -32.28 0.53
CA VAL B 326 -11.66 -32.28 -0.92
C VAL B 326 -10.38 -33.02 -1.32
N THR B 327 -10.53 -34.08 -2.12
CA THR B 327 -9.40 -34.86 -2.62
C THR B 327 -9.06 -34.38 -4.03
N ASP B 328 -8.05 -35.00 -4.65
CA ASP B 328 -7.66 -34.68 -6.00
C ASP B 328 -8.60 -35.37 -6.99
N HIS B 329 -9.47 -36.24 -6.46
CA HIS B 329 -10.45 -36.97 -7.27
C HIS B 329 -11.70 -36.15 -7.44
N ASP B 330 -11.82 -35.06 -6.66
CA ASP B 330 -12.96 -34.15 -6.74
C ASP B 330 -12.75 -33.16 -7.90
N ILE B 331 -11.61 -33.23 -8.58
CA ILE B 331 -11.29 -32.32 -9.65
C ILE B 331 -11.39 -33.04 -11.00
N PRO B 332 -12.30 -32.60 -11.90
CA PRO B 332 -12.54 -33.30 -13.16
C PRO B 332 -11.30 -33.20 -14.05
N GLN B 333 -11.10 -34.23 -14.88
CA GLN B 333 -9.83 -34.39 -15.56
C GLN B 333 -9.68 -33.38 -16.70
N GLN B 334 -10.79 -32.83 -17.18
CA GLN B 334 -10.73 -31.79 -18.20
C GLN B 334 -9.94 -30.58 -17.66
N LEU B 335 -10.30 -30.16 -16.45
CA LEU B 335 -9.66 -29.01 -15.82
C LEU B 335 -8.21 -29.33 -15.49
N VAL B 336 -7.99 -30.49 -14.89
CA VAL B 336 -6.65 -30.95 -14.55
C VAL B 336 -5.75 -30.69 -15.75
N GLU B 337 -6.15 -31.25 -16.90
CA GLU B 337 -5.29 -31.24 -18.07
C GLU B 337 -5.08 -29.80 -18.54
N ARG B 338 -6.18 -29.04 -18.63
CA ARG B 338 -6.13 -27.70 -19.19
C ARG B 338 -5.24 -26.80 -18.32
N LEU B 339 -5.25 -27.03 -17.00
CA LEU B 339 -4.51 -26.17 -16.09
C LEU B 339 -3.02 -26.43 -16.24
N GLN B 340 -2.65 -27.71 -16.34
CA GLN B 340 -1.27 -28.09 -16.51
C GLN B 340 -0.69 -27.52 -17.82
N GLU B 341 -1.46 -27.51 -18.92
CA GLU B 341 -0.98 -26.88 -20.15
C GLU B 341 -0.57 -25.43 -19.88
N GLU B 342 -1.40 -24.70 -19.12
CA GLU B 342 -1.13 -23.31 -18.84
C GLU B 342 0.21 -23.15 -18.10
N LYS B 343 0.50 -24.06 -17.16
CA LYS B 343 1.71 -23.99 -16.36
C LYS B 343 2.93 -24.27 -17.23
N ARG B 344 2.76 -25.11 -18.26
CA ARG B 344 3.83 -25.41 -19.20
C ARG B 344 4.12 -24.20 -20.07
N ILE B 345 3.06 -23.54 -20.56
CA ILE B 345 3.20 -22.36 -21.39
C ILE B 345 3.90 -21.26 -20.60
N GLU B 346 3.43 -21.05 -19.36
CA GLU B 346 4.06 -20.12 -18.43
C GLU B 346 5.57 -20.39 -18.39
N ALA B 347 5.94 -21.56 -17.88
CA ALA B 347 7.33 -21.94 -17.69
C ALA B 347 8.10 -21.99 -19.00
N GLN B 348 7.41 -22.09 -20.15
CA GLN B 348 8.08 -22.16 -21.45
C GLN B 348 8.49 -20.77 -21.94
N LYS B 349 8.34 -19.75 -21.09
CA LYS B 349 8.67 -18.37 -21.47
C LYS B 349 9.95 -17.94 -20.77
N ARG B 350 9.82 -17.37 -19.56
CA ARG B 350 10.95 -16.86 -18.81
C ARG B 350 12.14 -16.59 -19.74
O3 A1ICU C . 10.75 1.36 -0.73
O1 A1ICU C . 18.30 -0.05 -1.58
O2 A1ICU C . 15.45 3.00 -3.22
N1 A1ICU C . 19.12 2.69 -4.49
C3 A1ICU C . 20.64 1.15 -5.58
C6 A1ICU C . 19.74 1.43 -4.54
C2 A1ICU C . 21.27 -0.10 -5.67
C5 A1ICU C . 19.50 0.45 -3.57
C7 A1ICU C . 18.30 2.92 -3.51
C8 A1ICU C . 18.56 0.76 -2.47
C4 A1ICU C . 20.14 -0.80 -3.65
C1 A1ICU C . 21.03 -1.07 -4.70
C15 A1ICU C . 11.67 0.69 -1.17
N3 A1ICU C . 12.81 1.30 -1.61
C12 A1ICU C . 13.12 2.71 -1.33
C11 A1ICU C . 14.58 2.98 -1.01
C13 A1ICU C . 13.75 0.60 -2.50
C14 A1ICU C . 15.24 0.84 -2.18
C10 A1ICU C . 15.61 2.31 -1.97
C9 A1ICU C . 17.03 2.48 -1.46
N2 A1ICU C . 17.99 2.02 -2.51
C16 A1ICU C . 11.48 -0.82 -1.18
C21 A1ICU C . 10.12 -1.18 -1.79
C20 A1ICU C . 9.86 -2.68 -1.82
C19 A1ICU C . 10.13 -3.38 -0.50
C18 A1ICU C . 11.41 -2.93 0.18
C17 A1ICU C . 11.56 -1.41 0.21
C22 A1ICU C . 12.82 -0.98 0.91
C27 A1ICU C . 12.76 -0.25 2.08
C26 A1ICU C . 13.92 0.15 2.72
C25 A1ICU C . 15.14 -0.19 2.15
C24 A1ICU C . 15.22 -0.92 0.97
C23 A1ICU C . 14.05 -1.32 0.35
H16 A1ICU C . 14.59 3.40 -3.23
H3 A1ICU C . 20.82 1.90 -6.34
H2 A1ICU C . 21.95 -0.30 -6.48
H5 A1ICU C . 17.82 3.88 -3.46
H4 A1ICU C . 19.95 -1.55 -2.90
H1 A1ICU C . 21.52 -2.03 -4.76
H11 A1ICU C . 12.55 3.02 -0.46
H10 A1ICU C . 12.82 3.31 -2.18
H9 A1ICU C . 14.79 2.63 0.00
H8 A1ICU C . 14.73 4.04 -1.09
H12 A1ICU C . 13.57 0.93 -3.51
H13 A1ICU C . 13.61 -0.48 -2.45
H15 A1ICU C . 15.82 0.45 -3.03
H14 A1ICU C . 15.52 0.29 -1.29
H7 A1ICU C . 17.16 1.89 -0.56
H6 A1ICU C . 17.21 3.53 -1.24
H17 A1ICU C . 12.27 -1.31 -1.72
H26 A1ICU C . 9.32 -0.72 -1.21
H25 A1ICU C . 10.08 -0.80 -2.81
H23 A1ICU C . 8.82 -2.85 -2.09
H24 A1ICU C . 10.50 -3.12 -2.59
H22 A1ICU C . 10.23 -4.45 -0.73
H21 A1ICU C . 9.29 -3.26 0.18
H20 A1ICU C . 12.26 -3.34 -0.37
H19 A1ICU C . 11.44 -3.30 1.21
H18 A1ICU C . 10.70 -1.01 0.76
H31 A1ICU C . 11.80 0.00 2.51
H30 A1ICU C . 13.88 0.72 3.64
H29 A1ICU C . 16.05 0.12 2.65
H28 A1ICU C . 16.18 -1.18 0.54
H27 A1ICU C . 14.10 -1.88 -0.57
O3 A1ICU D . -9.02 -2.16 2.41
O1 A1ICU D . -15.36 -0.33 6.85
O2 A1ICU D . -14.53 -2.73 3.14
N1 A1ICU D . -18.01 -2.27 4.35
C3 A1ICU D . -19.63 -0.52 4.67
C6 A1ICU D . -18.38 -1.05 4.95
C2 A1ICU D . -20.05 0.68 5.21
C5 A1ICU D . -17.50 -0.34 5.80
C7 A1ICU D . -16.85 -2.72 4.64
C8 A1ICU D . -16.16 -0.91 6.10
C4 A1ICU D . -17.92 0.89 6.34
C1 A1ICU D . -19.20 1.38 6.05
C15 A1ICU D . -9.84 -1.42 2.93
N3 A1ICU D . -11.10 -1.80 3.21
C12 A1ICU D . -11.52 -3.19 3.29
C11 A1ICU D . -12.60 -3.47 4.34
C13 A1ICU D . -12.18 -0.79 3.37
C14 A1ICU D . -13.25 -1.09 4.43
C10 A1ICU D . -13.80 -2.51 4.38
C9 A1ICU D . -14.65 -2.82 5.61
N2 A1ICU D . -15.94 -2.11 5.46
C16 A1ICU D . -9.38 -0.06 3.24
C21 A1ICU D . -8.62 0.49 2.03
C20 A1ICU D . -8.13 1.90 2.31
C19 A1ICU D . -7.31 1.99 3.58
C18 A1ICU D . -8.02 1.37 4.79
C17 A1ICU D . -8.58 -0.05 4.51
C22 A1ICU D . -9.39 -0.58 5.71
C27 A1ICU D . -10.44 0.13 6.31
C26 A1ICU D . -11.13 -0.38 7.40
C25 A1ICU D . -10.80 -1.61 7.91
C24 A1ICU D . -9.78 -2.34 7.34
C23 A1ICU D . -9.10 -1.83 6.25
H16 A1ICU D . -13.98 -2.43 2.41
H3 A1ICU D . -20.29 -1.07 4.01
H2 A1ICU D . -21.02 1.06 4.98
H5 A1ICU D . -16.57 -3.66 4.19
H4 A1ICU D . -17.28 1.44 7.02
H1 A1ICU D . -19.53 2.31 6.48
H11 A1ICU D . -10.65 -3.80 3.53
H10 A1ICU D . -11.90 -3.49 2.32
H9 A1ICU D . -12.13 -3.45 5.32
H8 A1ICU D . -12.97 -4.48 4.15
H12 A1ICU D . -12.68 -0.69 2.40
H13 A1ICU D . -11.77 0.18 3.63
H15 A1ICU D . -14.07 -0.38 4.29
H14 A1ICU D . -12.81 -0.92 5.41
H7 A1ICU D . -14.13 -2.50 6.50
H6 A1ICU D . -14.82 -3.90 5.66
H17 A1ICU D . -10.21 0.60 3.49
H26 A1ICU D . -7.75 -0.13 1.82
H25 A1ICU D . -9.28 0.51 1.17
H23 A1ICU D . -7.51 2.23 1.47
H24 A1ICU D . -8.99 2.56 2.39
H22 A1ICU D . -7.10 3.04 3.79
H21 A1ICU D . -6.37 1.47 3.43
H20 A1ICU D . -8.84 2.03 5.08
H19 A1ICU D . -7.30 1.32 5.62
H18 A1ICU D . -7.73 -0.70 4.36
H31 A1ICU D . -10.69 1.10 5.92
H30 A1ICU D . -11.93 0.20 7.84
H29 A1ICU D . -11.35 -2.00 8.76
H28 A1ICU D . -9.53 -3.32 7.74
H27 A1ICU D . -8.29 -2.41 5.81
#